data_7RYC
#
_entry.id   7RYC
#
_cell.length_a   1.00
_cell.length_b   1.00
_cell.length_c   1.00
_cell.angle_alpha   90.00
_cell.angle_beta   90.00
_cell.angle_gamma   90.00
#
_symmetry.space_group_name_H-M   'P 1'
#
loop_
_entity.id
_entity.type
_entity.pdbx_description
1 polymer Oxytocin
2 polymer 'Oxytocin receptor'
3 polymer 'Guanine nucleotide-binding protein G(I)/G(S)/G(O) subunit gamma-2, Guanine nucleotide-binding protein G(i) subunit alpha-2,Guanine nucleotide-binding protein G(s) subunit alpha isoforms short'
4 polymer 'Guanine nucleotide-binding protein G(I)/G(S)/G(T) subunit beta-1'
5 polymer scFv16
6 non-polymer 'MAGNESIUM ION'
#
loop_
_entity_poly.entity_id
_entity_poly.type
_entity_poly.pdbx_seq_one_letter_code
_entity_poly.pdbx_strand_id
1 'polypeptide(L)' CYIQNCPLG(NH2) L
2 'polypeptide(L)'
;MKTIIALSYIFCLVFADYKDDDDAMGQPGNGSAFLLAPNRSHAPDHDVENLYFQGMEGALAANWSAEAANASAAPPGAEG
NRTAGPPRRNEALARVEVAVLCLILLLALSGNACVLLALRTTRQKHSRLFFFMKHLSIADLVVAVFQVLPQLLWDITFRF
YGPDLLCRLVKYLQVVGMFASTYLLLLMSLDRCLAICQPLRSLRRRTDRLAVLATWLGCLVASAPQVHIFSLREVADGVF
DCWAVFIQPWGPKAYITWITLAVYIVPVIVLAACYGLISFKIWQNLRLKTAAAAAAEAPEGAAAGDGGRVALARVSSVKL
ISKAKIRTVKMTFIIVLAFIVCWTPFFFVQMWSVWDANAPKEASAFIIVMLLASLNSCCNPWIYMLFTGHLFHELVQRFL
CCSASYLKGRRLGETSASKKSNSSSFVLSHRSSSQRSCSQPSTALEVLFQ
;
O
3 'polypeptide(L)'
;MASNNTASIAQARKLVEQLKMEANIDRIKVSKAAADLMAYCEAHAKEDPLLTPVPASENPFREKKFFCAILGSAGSAGSA
MGSTVSAEDKAAAERSKMIDKNLREDGEKARRTLRLLLLGADNSGKSTIVKQMRILHGGSGGSGGTSGIFETKFQVDKVN
FHMFDVGGQRDERRKWIQCFNDVTAIIFVVDSSDYNRLQEALNDFKSIWNNRWLRTISVILFLNKQDLLAEKVLAGKSKI
EDYFPEFARYTTPEDATPEPGEDPRVTRAKYFIRKEFVDISTASGDGRHICYPHFTCAVDTENARRIFNDCKDIILQMNL
REYNLV
;
D
4 'polypeptide(L)'
;GPGSSGSELDQLRQEAEQLKNQIRDARKACADATLSQITNNIDPVGRIQMRTRRTLRGHLAKIYAMHWGTDSRLLVSASQ
DGKLIIWDSYTTNKVHAIPLRSSWVMTCAYAPSGNYVACGGLDNICSIYNLKTREGNVRVSRELAGHTGYLSCCRFLDDN
QIVTSSGDTTCALWDIETGQQTTTFTGHTGDVMSLSLAPDTRLFVSGACDASAKLWDVREGMCRQTFTGHESDINAICFF
PNGNAFATGSDDATCRLFDLRADQELMTYSHDNIICGITSVSFSKSGRLLLAGYDDFNCNVWDALKADRAGVLAGHDNRV
SCLGVTDDGMAVATGSWDSFLKIWN
;
C
5 'polypeptide(L)'
;DVQLVESGGGLVQPGGSRKLSCSASGFAFSSFGMHWVRQAPEKGLEWVAYISSGSGTIYYADTVKGRFTISRDDPKNTLF
LQMTSLRSEDTAMYYCVRSIYYYGSSPFDFWGQGTTLTVSSGGGGSGGGGSGGGGSDIVMTQATSSVPVTPGESVSISCR
SSKSLLHSNGNTYLYWFLQRPGQSPQLLIYRMSNLASGVPDRFSGSGSGTAFTLTISRLEAEDVGVYYCMQHLEYPLTFG
AGTKLELKAAAASSEDLYFQ
;
E
#
# COMPACT_ATOMS: atom_id res chain seq x y z
N CYS A 1 22.22 -31.42 -37.58
CA CYS A 1 22.62 -30.25 -36.72
C CYS A 1 22.05 -30.47 -35.30
N TYR A 2 22.57 -29.68 -34.36
CA TYR A 2 22.17 -29.50 -32.96
C TYR A 2 22.37 -30.72 -32.07
N ILE A 3 21.74 -31.85 -32.41
CA ILE A 3 21.91 -33.07 -31.63
C ILE A 3 22.92 -34.01 -32.29
N GLN A 4 23.15 -33.79 -33.57
CA GLN A 4 24.11 -34.58 -34.32
C GLN A 4 24.84 -33.67 -35.29
N ASN A 5 26.06 -34.07 -35.66
CA ASN A 5 26.86 -33.29 -36.60
C ASN A 5 26.09 -33.19 -37.91
N CYS A 6 26.01 -31.97 -38.45
CA CYS A 6 25.29 -31.67 -39.69
C CYS A 6 25.99 -32.26 -40.93
N PRO A 7 25.22 -32.61 -41.98
CA PRO A 7 25.80 -32.98 -43.28
C PRO A 7 26.42 -31.78 -44.01
N LEU A 8 27.40 -32.07 -44.85
CA LEU A 8 28.09 -31.12 -45.72
C LEU A 8 27.13 -30.55 -46.77
N GLY A 9 27.42 -29.35 -47.28
CA GLY A 9 26.63 -28.76 -48.38
C GLY A 9 26.87 -27.27 -48.52
N PRO B 86 41.18 -33.01 -47.87
CA PRO B 86 39.97 -32.66 -47.12
C PRO B 86 38.79 -32.41 -48.05
N PRO B 87 37.64 -32.99 -47.72
CA PRO B 87 36.41 -32.85 -48.51
C PRO B 87 35.90 -31.41 -48.52
N ARG B 88 35.37 -30.97 -49.66
CA ARG B 88 34.85 -29.62 -49.79
C ARG B 88 33.32 -29.62 -49.80
N ARG B 89 32.72 -28.47 -50.10
CA ARG B 89 31.27 -28.35 -50.16
C ARG B 89 30.82 -27.55 -51.38
N ASN B 90 29.62 -27.01 -51.32
CA ASN B 90 29.07 -26.24 -52.42
C ASN B 90 28.84 -24.77 -52.06
N GLU B 91 29.34 -23.87 -52.91
CA GLU B 91 29.20 -22.44 -52.68
C GLU B 91 27.74 -21.98 -52.70
N ALA B 92 26.98 -22.51 -53.65
CA ALA B 92 25.57 -22.15 -53.85
C ALA B 92 24.63 -22.54 -52.70
N LEU B 93 24.62 -23.81 -52.35
CA LEU B 93 23.76 -24.31 -51.28
C LEU B 93 24.11 -23.67 -49.93
N ALA B 94 25.41 -23.47 -49.70
CA ALA B 94 25.89 -22.85 -48.48
C ALA B 94 25.38 -21.42 -48.34
N ARG B 95 25.33 -20.69 -49.46
CA ARG B 95 24.86 -19.30 -49.46
C ARG B 95 23.41 -19.12 -49.01
N VAL B 96 22.51 -20.02 -49.43
CA VAL B 96 21.10 -19.91 -49.05
C VAL B 96 20.92 -20.06 -47.54
N GLU B 97 21.89 -20.69 -46.89
CA GLU B 97 21.89 -20.88 -45.45
C GLU B 97 22.10 -19.60 -44.64
N VAL B 98 23.02 -18.75 -45.09
CA VAL B 98 23.30 -17.50 -44.38
C VAL B 98 22.08 -16.57 -44.46
N ALA B 99 21.20 -16.86 -45.39
CA ALA B 99 19.98 -16.07 -45.59
C ALA B 99 18.86 -16.54 -44.67
N VAL B 100 18.59 -17.85 -44.66
CA VAL B 100 17.50 -18.38 -43.85
C VAL B 100 17.73 -18.06 -42.37
N LEU B 101 18.95 -18.29 -41.89
CA LEU B 101 19.23 -18.09 -40.48
C LEU B 101 19.16 -16.62 -40.10
N CYS B 102 19.60 -15.73 -40.99
CA CYS B 102 19.50 -14.31 -40.68
C CYS B 102 18.05 -13.87 -40.60
N LEU B 103 17.21 -14.32 -41.53
CA LEU B 103 15.79 -14.00 -41.45
C LEU B 103 15.18 -14.49 -40.15
N ILE B 104 15.44 -15.74 -39.79
CA ILE B 104 14.87 -16.30 -38.57
C ILE B 104 15.33 -15.51 -37.35
N LEU B 105 16.62 -15.19 -37.29
CA LEU B 105 17.15 -14.47 -36.13
C LEU B 105 16.53 -13.09 -35.99
N LEU B 106 16.44 -12.34 -37.10
CA LEU B 106 15.92 -10.98 -37.00
C LEU B 106 14.43 -11.00 -36.63
N LEU B 107 13.67 -11.95 -37.18
CA LEU B 107 12.26 -12.05 -36.79
C LEU B 107 12.11 -12.41 -35.32
N ALA B 108 12.87 -13.40 -34.85
CA ALA B 108 12.76 -13.84 -33.46
C ALA B 108 13.19 -12.75 -32.49
N LEU B 109 14.05 -11.83 -32.93
CA LEU B 109 14.43 -10.70 -32.04
C LEU B 109 13.30 -9.67 -31.97
N SER B 110 12.83 -9.18 -33.11
CA SER B 110 11.81 -8.08 -33.11
C SER B 110 10.51 -8.51 -32.44
N GLY B 111 10.02 -9.72 -32.70
CA GLY B 111 8.71 -10.10 -32.14
C GLY B 111 8.72 -10.14 -30.62
N ASN B 112 9.75 -10.76 -30.02
CA ASN B 112 9.79 -10.89 -28.54
C ASN B 112 9.95 -9.51 -27.91
N ALA B 113 10.75 -8.63 -28.51
CA ALA B 113 11.00 -7.28 -27.94
C ALA B 113 9.68 -6.50 -27.90
N CYS B 114 8.87 -6.61 -28.94
CA CYS B 114 7.58 -5.86 -28.99
C CYS B 114 6.66 -6.31 -27.86
N VAL B 115 6.61 -7.62 -27.56
CA VAL B 115 5.78 -8.09 -26.42
C VAL B 115 6.31 -7.45 -25.12
N LEU B 116 7.63 -7.44 -24.90
CA LEU B 116 8.18 -6.91 -23.63
C LEU B 116 7.88 -5.42 -23.52
N LEU B 117 8.07 -4.67 -24.61
CA LEU B 117 7.86 -3.20 -24.57
C LEU B 117 6.38 -2.91 -24.28
N ALA B 118 5.47 -3.61 -24.97
CA ALA B 118 4.02 -3.36 -24.79
C ALA B 118 3.59 -3.70 -23.37
N LEU B 119 4.10 -4.80 -22.82
CA LEU B 119 3.66 -5.23 -21.47
C LEU B 119 4.05 -4.15 -20.45
N ARG B 120 5.27 -3.64 -20.52
CA ARG B 120 5.73 -2.61 -19.55
C ARG B 120 5.02 -1.27 -19.73
N THR B 121 4.86 -0.79 -20.97
CA THR B 121 4.26 0.55 -21.21
C THR B 121 2.80 0.58 -20.76
N THR B 122 2.04 -0.48 -21.03
CA THR B 122 0.60 -0.51 -20.70
C THR B 122 0.26 -1.84 -20.00
N GLN B 124 -2.46 -1.75 -17.00
CA GLN B 124 -3.89 -1.62 -17.19
C GLN B 124 -4.66 -2.60 -16.32
N LYS B 125 -4.39 -3.91 -16.51
CA LYS B 125 -5.09 -4.98 -15.82
C LYS B 125 -4.07 -5.99 -15.30
N HIS B 126 -3.05 -5.48 -14.61
CA HIS B 126 -1.98 -6.31 -14.05
C HIS B 126 -2.54 -7.49 -13.28
N SER B 127 -2.26 -8.69 -13.76
CA SER B 127 -2.88 -9.90 -13.25
C SER B 127 -1.84 -11.00 -13.21
N ARG B 128 -2.30 -12.25 -13.11
CA ARG B 128 -1.38 -13.42 -13.06
C ARG B 128 -1.22 -13.95 -14.49
N LEU B 129 -1.36 -13.09 -15.49
CA LEU B 129 -1.16 -13.49 -16.89
C LEU B 129 0.11 -12.91 -17.48
N PHE B 130 0.44 -11.65 -17.14
CA PHE B 130 1.60 -11.01 -17.74
C PHE B 130 2.90 -11.57 -17.18
N PHE B 131 2.85 -12.11 -15.96
CA PHE B 131 4.01 -12.76 -15.36
C PHE B 131 4.53 -13.88 -16.23
N PHE B 132 3.67 -14.85 -16.56
CA PHE B 132 4.10 -16.01 -17.33
C PHE B 132 4.43 -15.64 -18.76
N MET B 133 3.70 -14.68 -19.31
CA MET B 133 3.91 -14.21 -20.68
C MET B 133 5.26 -13.52 -20.79
N LYS B 134 5.67 -12.84 -19.73
CA LYS B 134 6.94 -12.13 -19.69
C LYS B 134 8.10 -13.12 -19.59
N HIS B 135 7.92 -14.14 -18.78
CA HIS B 135 8.95 -15.16 -18.58
C HIS B 135 9.12 -15.99 -19.85
N LEU B 136 8.03 -16.21 -20.57
CA LEU B 136 8.05 -16.98 -21.80
C LEU B 136 8.85 -16.24 -22.87
N SER B 137 8.72 -14.92 -22.90
CA SER B 137 9.43 -14.09 -23.86
C SER B 137 10.93 -14.12 -23.58
N ILE B 138 11.28 -14.15 -22.29
CA ILE B 138 12.73 -14.18 -21.89
C ILE B 138 13.29 -15.52 -22.35
N ALA B 139 12.49 -16.63 -22.18
CA ALA B 139 12.98 -17.91 -22.69
C ALA B 139 13.18 -17.86 -24.20
N ASP B 140 12.23 -17.28 -24.92
CA ASP B 140 12.35 -17.20 -26.39
C ASP B 140 13.54 -16.34 -26.79
N LEU B 141 13.84 -15.28 -26.16
CA LEU B 141 15.02 -14.45 -26.50
C LEU B 141 16.30 -15.25 -26.21
N VAL B 142 16.43 -15.90 -25.08
CA VAL B 142 17.62 -16.74 -24.80
C VAL B 142 17.78 -17.72 -25.95
N VAL B 143 16.66 -18.40 -26.34
CA VAL B 143 16.80 -19.35 -27.44
C VAL B 143 17.34 -18.66 -28.68
N ALA B 144 16.72 -17.55 -29.07
CA ALA B 144 17.10 -16.88 -30.31
C ALA B 144 18.51 -16.32 -30.24
N VAL B 145 19.04 -16.11 -29.03
CA VAL B 145 20.38 -15.54 -28.93
C VAL B 145 21.44 -16.65 -28.83
N PHE B 146 21.15 -17.72 -28.09
CA PHE B 146 22.14 -18.76 -27.85
C PHE B 146 21.85 -20.05 -28.60
N GLN B 147 21.10 -19.99 -29.72
CA GLN B 147 20.91 -21.21 -30.55
C GLN B 147 21.05 -20.85 -32.04
N VAL B 148 20.72 -19.63 -32.44
CA VAL B 148 20.87 -19.26 -33.84
C VAL B 148 22.22 -18.61 -34.14
N LEU B 149 22.73 -17.76 -33.25
CA LEU B 149 23.93 -16.98 -33.54
C LEU B 149 25.18 -17.87 -33.64
N PRO B 150 25.41 -18.80 -32.70
CA PRO B 150 26.55 -19.72 -32.91
C PRO B 150 26.41 -20.57 -34.15
N GLN B 151 25.18 -21.15 -34.36
CA GLN B 151 24.95 -22.04 -35.53
C GLN B 151 25.10 -21.23 -36.83
N LEU B 152 25.14 -19.92 -36.76
CA LEU B 152 25.21 -19.07 -37.94
C LEU B 152 26.62 -18.62 -38.24
N LEU B 153 27.34 -18.12 -37.23
CA LEU B 153 28.75 -17.82 -37.40
C LEU B 153 29.53 -19.08 -37.75
N TRP B 154 29.07 -20.24 -37.29
CA TRP B 154 29.70 -21.49 -37.65
C TRP B 154 29.64 -21.72 -39.16
N ASP B 155 28.44 -21.61 -39.73
CA ASP B 155 28.29 -21.84 -41.17
C ASP B 155 28.86 -20.69 -41.99
N ILE B 156 29.11 -19.54 -41.36
CA ILE B 156 29.80 -18.43 -42.10
C ILE B 156 31.19 -18.98 -42.45
N THR B 157 31.87 -19.57 -41.47
CA THR B 157 33.18 -20.24 -41.71
C THR B 157 32.85 -21.69 -42.08
N PHE B 158 33.84 -22.59 -42.11
CA PHE B 158 33.49 -24.01 -42.35
C PHE B 158 33.63 -24.75 -41.02
N ARG B 159 34.77 -24.56 -40.35
CA ARG B 159 35.04 -25.26 -39.06
C ARG B 159 35.19 -24.20 -37.97
N PHE B 160 34.85 -24.57 -36.73
CA PHE B 160 34.91 -23.63 -35.62
C PHE B 160 36.34 -23.48 -35.13
N TYR B 161 36.76 -22.23 -34.93
CA TYR B 161 38.13 -21.88 -34.54
C TYR B 161 38.11 -21.45 -33.08
N GLY B 162 38.32 -22.40 -32.18
CA GLY B 162 38.34 -22.11 -30.77
C GLY B 162 38.82 -23.28 -29.94
N PRO B 163 38.77 -23.13 -28.62
CA PRO B 163 39.17 -24.23 -27.74
C PRO B 163 38.09 -25.28 -27.61
N ASP B 164 38.33 -26.23 -26.70
CA ASP B 164 37.39 -27.33 -26.50
C ASP B 164 36.21 -26.92 -25.64
N LEU B 165 36.49 -26.29 -24.50
CA LEU B 165 35.43 -25.97 -23.53
C LEU B 165 34.40 -25.02 -24.13
N LEU B 166 34.84 -24.15 -25.05
CA LEU B 166 33.90 -23.22 -25.68
C LEU B 166 32.79 -23.95 -26.40
N CYS B 167 33.14 -24.90 -27.28
CA CYS B 167 32.13 -25.64 -28.02
C CYS B 167 31.37 -26.59 -27.11
N ARG B 168 32.08 -27.14 -26.12
CA ARG B 168 31.46 -28.04 -25.16
C ARG B 168 30.36 -27.34 -24.36
N LEU B 169 30.44 -26.00 -24.28
CA LEU B 169 29.43 -25.21 -23.53
C LEU B 169 28.38 -24.65 -24.50
N VAL B 170 28.86 -24.40 -25.78
CA VAL B 170 27.93 -23.94 -26.85
C VAL B 170 26.81 -24.97 -26.98
N LYS B 171 27.14 -26.22 -27.07
CA LYS B 171 26.14 -27.28 -27.27
C LYS B 171 25.14 -27.32 -26.11
N TYR B 172 25.67 -27.21 -24.89
CA TYR B 172 24.84 -27.19 -23.69
C TYR B 172 23.80 -26.09 -23.77
N LEU B 173 24.24 -24.88 -24.09
CA LEU B 173 23.28 -23.77 -24.21
C LEU B 173 22.25 -24.04 -25.29
N GLN B 174 22.70 -24.60 -26.43
CA GLN B 174 21.80 -24.82 -27.56
C GLN B 174 20.64 -25.74 -27.17
N VAL B 175 20.91 -26.79 -26.39
CA VAL B 175 19.80 -27.69 -26.06
C VAL B 175 18.99 -27.15 -24.86
N VAL B 176 19.64 -26.46 -23.92
CA VAL B 176 18.93 -25.88 -22.78
C VAL B 176 17.83 -24.95 -23.26
N GLY B 177 18.16 -24.11 -24.25
CA GLY B 177 17.16 -23.19 -24.78
C GLY B 177 15.91 -23.90 -25.25
N MET B 178 16.10 -24.96 -26.05
CA MET B 178 14.99 -25.75 -26.63
C MET B 178 14.11 -26.36 -25.53
N PHE B 179 14.71 -26.92 -24.49
CA PHE B 179 13.92 -27.53 -23.42
C PHE B 179 13.11 -26.48 -22.65
N ALA B 180 13.76 -25.37 -22.28
CA ALA B 180 13.06 -24.38 -21.45
C ALA B 180 11.94 -23.69 -22.22
N SER B 181 12.19 -23.35 -23.48
CA SER B 181 11.16 -22.67 -24.27
C SER B 181 9.98 -23.59 -24.54
N THR B 182 10.19 -24.90 -24.53
CA THR B 182 9.04 -25.78 -24.65
C THR B 182 8.26 -25.90 -23.33
N TYR B 183 8.95 -25.96 -22.19
CA TYR B 183 8.21 -26.27 -20.96
C TYR B 183 7.58 -25.05 -20.27
N LEU B 184 8.09 -23.85 -20.51
CA LEU B 184 7.43 -22.67 -19.95
C LEU B 184 5.99 -22.54 -20.47
N LEU B 185 5.78 -22.93 -21.74
CA LEU B 185 4.44 -22.89 -22.31
C LEU B 185 3.49 -23.86 -21.60
N LEU B 186 4.00 -25.06 -21.29
CA LEU B 186 3.20 -26.00 -20.53
C LEU B 186 2.83 -25.43 -19.17
N LEU B 187 3.76 -24.73 -18.52
CA LEU B 187 3.44 -24.12 -17.23
C LEU B 187 2.32 -23.09 -17.37
N MET B 188 2.42 -22.20 -18.34
CA MET B 188 1.38 -21.18 -18.53
C MET B 188 0.01 -21.81 -18.80
N SER B 189 -0.02 -22.79 -19.71
CA SER B 189 -1.29 -23.44 -20.04
C SER B 189 -1.90 -24.16 -18.83
N LEU B 190 -1.06 -24.88 -18.07
CA LEU B 190 -1.56 -25.55 -16.88
C LEU B 190 -2.12 -24.56 -15.87
N ASP B 191 -1.49 -23.39 -15.73
CA ASP B 191 -2.04 -22.36 -14.87
C ASP B 191 -3.44 -21.95 -15.31
N ARG B 192 -3.60 -21.67 -16.61
CA ARG B 192 -4.94 -21.30 -17.10
C ARG B 192 -5.97 -22.37 -16.79
N CYS B 193 -5.66 -23.62 -17.14
CA CYS B 193 -6.57 -24.74 -16.96
C CYS B 193 -7.09 -24.98 -15.53
N LEU B 194 -6.21 -24.79 -14.55
CA LEU B 194 -6.57 -25.05 -13.13
C LEU B 194 -7.21 -23.79 -12.53
N ALA B 195 -6.89 -22.56 -13.17
CA ALA B 195 -7.60 -21.40 -12.67
C ALA B 195 -9.04 -21.37 -13.16
N ILE B 196 -9.33 -22.07 -14.25
CA ILE B 196 -10.72 -22.13 -14.71
C ILE B 196 -11.43 -23.37 -14.17
N CYS B 197 -10.70 -24.47 -14.01
CA CYS B 197 -11.36 -25.72 -13.63
C CYS B 197 -11.58 -25.82 -12.13
N GLN B 198 -10.59 -25.41 -11.33
CA GLN B 198 -10.68 -25.41 -9.87
C GLN B 198 -10.50 -23.96 -9.41
N PRO B 199 -11.59 -23.22 -9.22
CA PRO B 199 -11.45 -21.76 -9.05
C PRO B 199 -11.10 -21.34 -7.63
N LEU B 200 -11.39 -22.17 -6.64
CA LEU B 200 -11.11 -21.84 -5.23
C LEU B 200 -9.81 -22.53 -4.84
N ARG B 201 -8.70 -21.88 -5.15
CA ARG B 201 -7.36 -22.39 -4.87
C ARG B 201 -6.53 -21.29 -4.23
N SER B 202 -5.90 -21.61 -3.10
CA SER B 202 -5.07 -20.66 -2.37
C SER B 202 -3.62 -20.80 -2.81
N LEU B 203 -3.08 -19.75 -3.42
CA LEU B 203 -1.69 -19.74 -3.87
C LEU B 203 -1.08 -18.37 -3.62
N ARG B 204 0.23 -18.36 -3.39
CA ARG B 204 0.97 -17.14 -3.12
C ARG B 204 2.07 -16.96 -4.15
N ARG B 205 2.74 -15.81 -4.10
CA ARG B 205 3.82 -15.53 -5.04
C ARG B 205 5.01 -16.47 -4.86
N ARG B 206 5.19 -17.02 -3.66
CA ARG B 206 6.28 -17.96 -3.43
C ARG B 206 6.18 -19.16 -4.35
N THR B 207 4.97 -19.70 -4.53
CA THR B 207 4.81 -20.81 -5.46
C THR B 207 5.01 -20.35 -6.90
N ASP B 208 4.54 -19.13 -7.21
CA ASP B 208 4.69 -18.60 -8.57
C ASP B 208 6.12 -18.26 -8.92
N ARG B 209 7.04 -18.31 -7.95
CA ARG B 209 8.46 -18.23 -8.27
C ARG B 209 9.17 -19.58 -8.17
N LEU B 210 8.80 -20.42 -7.20
CA LEU B 210 9.40 -21.74 -7.10
C LEU B 210 9.08 -22.61 -8.30
N ALA B 211 7.91 -22.43 -8.92
CA ALA B 211 7.61 -23.18 -10.14
C ALA B 211 8.62 -22.88 -11.24
N VAL B 212 8.88 -21.59 -11.47
CA VAL B 212 9.83 -21.19 -12.52
C VAL B 212 11.23 -21.68 -12.19
N LEU B 213 11.71 -21.61 -11.03
CA LEU B 213 13.09 -22.03 -10.71
C LEU B 213 13.22 -23.55 -10.79
N ALA B 214 12.12 -24.29 -10.36
CA ALA B 214 12.19 -25.74 -10.53
C ALA B 214 12.21 -26.10 -12.01
N THR B 215 11.47 -25.38 -12.83
CA THR B 215 11.49 -25.63 -14.28
C THR B 215 12.88 -25.42 -14.87
N TRP B 216 13.50 -24.27 -14.54
CA TRP B 216 14.82 -23.98 -15.08
C TRP B 216 15.86 -24.99 -14.58
N LEU B 217 15.76 -25.38 -13.31
CA LEU B 217 16.67 -26.40 -12.78
C LEU B 217 16.50 -27.72 -13.53
N GLY B 218 15.26 -28.12 -13.78
CA GLY B 218 15.03 -29.36 -14.52
C GLY B 218 15.60 -29.31 -15.92
N CYS B 219 15.44 -28.18 -16.61
CA CYS B 219 16.03 -28.05 -17.95
C CYS B 219 17.54 -28.17 -17.91
N LEU B 220 18.18 -27.42 -17.00
CA LEU B 220 19.64 -27.44 -16.92
C LEU B 220 20.16 -28.80 -16.52
N VAL B 221 19.35 -29.60 -15.83
CA VAL B 221 19.79 -30.94 -15.49
C VAL B 221 19.54 -31.92 -16.64
N ALA B 222 18.47 -31.72 -17.41
CA ALA B 222 18.14 -32.67 -18.48
C ALA B 222 19.02 -32.48 -19.70
N SER B 223 19.63 -31.31 -19.87
CA SER B 223 20.50 -31.11 -21.02
C SER B 223 21.93 -31.61 -20.80
N ALA B 224 22.14 -32.60 -19.94
CA ALA B 224 23.51 -32.93 -19.52
C ALA B 224 24.34 -33.69 -20.56
N PRO B 225 23.92 -34.84 -21.10
CA PRO B 225 24.85 -35.65 -21.92
C PRO B 225 25.41 -34.94 -23.15
N GLN B 226 25.00 -33.69 -23.34
CA GLN B 226 25.50 -32.91 -24.47
C GLN B 226 27.00 -32.70 -24.34
N VAL B 227 27.48 -32.65 -23.10
CA VAL B 227 28.92 -32.45 -22.86
C VAL B 227 29.64 -33.78 -22.91
N HIS B 228 28.93 -34.88 -22.68
CA HIS B 228 29.57 -36.19 -22.70
C HIS B 228 29.81 -36.67 -24.12
N ILE B 229 28.78 -36.65 -24.96
CA ILE B 229 28.88 -37.36 -26.24
C ILE B 229 29.56 -36.48 -27.30
N PHE B 230 29.57 -35.19 -27.13
CA PHE B 230 30.22 -34.28 -28.10
C PHE B 230 31.66 -34.03 -27.67
N SER B 231 32.50 -33.59 -28.58
CA SER B 231 33.89 -33.28 -28.30
C SER B 231 34.46 -32.41 -29.41
N LEU B 232 35.72 -32.02 -29.24
CA LEU B 232 36.48 -31.36 -30.28
C LEU B 232 37.66 -32.25 -30.64
N ARG B 233 37.77 -32.63 -31.90
CA ARG B 233 38.79 -33.58 -32.30
C ARG B 233 39.12 -33.43 -33.78
N GLU B 234 40.29 -33.96 -34.15
CA GLU B 234 40.70 -33.98 -35.55
C GLU B 234 39.97 -35.08 -36.29
N VAL B 235 39.50 -34.78 -37.50
CA VAL B 235 38.71 -35.70 -38.30
C VAL B 235 39.45 -36.14 -39.55
N ALA B 236 40.25 -35.25 -40.14
CA ALA B 236 40.96 -35.56 -41.38
C ALA B 236 42.02 -34.49 -41.64
N ASP B 237 43.22 -34.95 -42.02
CA ASP B 237 44.31 -34.07 -42.45
C ASP B 237 44.62 -32.99 -41.42
N GLY B 238 44.59 -33.38 -40.14
CA GLY B 238 44.91 -32.45 -39.08
C GLY B 238 43.97 -31.26 -38.99
N VAL B 239 42.70 -31.45 -39.32
CA VAL B 239 41.67 -30.44 -39.18
C VAL B 239 40.70 -30.87 -38.10
N PHE B 240 40.43 -29.97 -37.15
CA PHE B 240 39.66 -30.27 -35.95
C PHE B 240 38.31 -29.58 -36.02
N ASP B 241 37.30 -30.20 -35.42
CA ASP B 241 35.97 -29.63 -35.31
C ASP B 241 35.24 -30.25 -34.13
N CYS B 242 34.06 -29.69 -33.82
CA CYS B 242 33.14 -30.32 -32.89
C CYS B 242 32.51 -31.53 -33.55
N TRP B 243 32.90 -32.71 -33.08
CA TRP B 243 32.42 -33.95 -33.63
C TRP B 243 31.69 -34.72 -32.53
N ALA B 244 30.73 -35.53 -32.96
CA ALA B 244 29.94 -36.34 -32.06
C ALA B 244 30.29 -37.81 -32.27
N VAL B 245 30.47 -38.52 -31.16
CA VAL B 245 30.81 -39.94 -31.20
C VAL B 245 29.88 -40.67 -30.25
N PHE B 246 29.06 -41.56 -30.79
CA PHE B 246 28.14 -42.36 -30.00
C PHE B 246 28.66 -43.80 -29.91
N ILE B 247 28.07 -44.57 -28.99
CA ILE B 247 28.33 -46.00 -28.99
C ILE B 247 27.74 -46.60 -30.26
N GLN B 248 28.57 -47.38 -30.96
CA GLN B 248 28.25 -47.74 -32.35
C GLN B 248 26.90 -48.43 -32.52
N PRO B 249 26.52 -49.45 -31.74
CA PRO B 249 25.28 -50.18 -32.04
C PRO B 249 24.00 -49.36 -31.89
N TRP B 250 23.79 -48.71 -30.74
CA TRP B 250 22.49 -48.12 -30.45
C TRP B 250 22.53 -46.72 -29.87
N GLY B 251 23.58 -45.95 -30.10
CA GLY B 251 23.67 -44.61 -29.58
C GLY B 251 22.76 -43.61 -30.26
N PRO B 252 23.01 -43.37 -31.56
CA PRO B 252 22.29 -42.30 -32.26
C PRO B 252 20.79 -42.49 -32.29
N LYS B 253 20.31 -43.72 -32.45
CA LYS B 253 18.87 -43.96 -32.46
C LYS B 253 18.26 -43.63 -31.10
N ALA B 254 18.87 -44.12 -30.03
CA ALA B 254 18.32 -43.94 -28.69
C ALA B 254 18.29 -42.47 -28.29
N TYR B 255 19.40 -41.74 -28.65
CA TYR B 255 19.45 -40.33 -28.21
C TYR B 255 18.34 -39.55 -28.92
N ILE B 256 18.18 -39.69 -30.20
CA ILE B 256 17.18 -38.94 -30.95
C ILE B 256 15.78 -39.35 -30.52
N THR B 257 15.55 -40.64 -30.27
CA THR B 257 14.22 -41.07 -29.85
C THR B 257 13.86 -40.48 -28.49
N TRP B 258 14.80 -40.47 -27.55
CA TRP B 258 14.53 -39.86 -26.25
C TRP B 258 14.20 -38.39 -26.40
N ILE B 259 14.90 -37.61 -27.10
CA ILE B 259 14.60 -36.16 -27.22
C ILE B 259 13.24 -35.98 -27.90
N THR B 260 12.97 -36.78 -29.02
CA THR B 260 11.70 -36.54 -29.69
C THR B 260 10.52 -36.94 -28.82
N LEU B 261 10.70 -37.93 -27.93
CA LEU B 261 9.60 -38.32 -27.06
C LEU B 261 9.46 -37.36 -25.88
N ALA B 262 10.55 -36.70 -25.49
CA ALA B 262 10.46 -35.80 -24.34
C ALA B 262 10.20 -34.35 -24.73
N VAL B 263 10.26 -34.02 -26.02
CA VAL B 263 10.06 -32.63 -26.42
C VAL B 263 8.94 -32.45 -27.45
N TYR B 264 8.37 -33.55 -27.96
CA TYR B 264 7.32 -33.40 -28.97
C TYR B 264 5.98 -34.01 -28.57
N ILE B 265 5.99 -35.29 -28.16
CA ILE B 265 4.73 -36.00 -28.00
C ILE B 265 4.03 -35.61 -26.71
N VAL B 266 4.74 -35.72 -25.58
CA VAL B 266 4.12 -35.41 -24.29
C VAL B 266 3.64 -33.97 -24.21
N PRO B 267 4.40 -32.96 -24.62
CA PRO B 267 3.85 -31.60 -24.60
C PRO B 267 2.60 -31.44 -25.43
N VAL B 268 2.52 -32.06 -26.61
CA VAL B 268 1.33 -31.86 -27.43
C VAL B 268 0.12 -32.57 -26.83
N ILE B 269 0.34 -33.71 -26.18
CA ILE B 269 -0.78 -34.38 -25.52
C ILE B 269 -1.30 -33.53 -24.37
N VAL B 270 -0.40 -32.96 -23.57
CA VAL B 270 -0.85 -32.17 -22.42
C VAL B 270 -1.49 -30.86 -22.88
N LEU B 271 -0.93 -30.25 -23.93
CA LEU B 271 -1.48 -29.03 -24.51
C LEU B 271 -2.80 -29.26 -25.23
N ALA B 272 -3.13 -30.51 -25.57
CA ALA B 272 -4.47 -30.84 -26.01
C ALA B 272 -5.42 -31.08 -24.86
N ALA B 273 -4.99 -31.76 -23.80
CA ALA B 273 -5.86 -32.00 -22.65
C ALA B 273 -6.29 -30.70 -21.99
N CYS B 274 -5.36 -29.75 -21.86
CA CYS B 274 -5.67 -28.47 -21.22
C CYS B 274 -6.85 -27.79 -21.89
N TYR B 275 -6.71 -27.48 -23.17
CA TYR B 275 -7.76 -26.80 -23.92
C TYR B 275 -8.90 -27.72 -24.33
N GLY B 276 -8.82 -29.01 -24.00
CA GLY B 276 -9.99 -29.86 -24.13
C GLY B 276 -10.88 -29.75 -22.92
N LEU B 277 -10.27 -29.57 -21.74
CA LEU B 277 -11.05 -29.37 -20.52
C LEU B 277 -11.59 -27.96 -20.41
N ILE B 278 -10.76 -26.96 -20.73
CA ILE B 278 -11.20 -25.57 -20.66
C ILE B 278 -12.41 -25.35 -21.56
N SER B 279 -12.34 -25.81 -22.81
CA SER B 279 -13.40 -25.58 -23.79
C SER B 279 -14.56 -26.56 -23.64
N PHE B 280 -14.57 -27.34 -22.57
CA PHE B 280 -15.69 -28.20 -22.22
C PHE B 280 -16.46 -27.66 -21.02
N LYS B 281 -15.73 -27.11 -20.04
CA LYS B 281 -16.41 -26.42 -18.95
C LYS B 281 -17.14 -25.17 -19.44
N ILE B 282 -16.46 -24.35 -20.24
CA ILE B 282 -17.09 -23.16 -20.77
C ILE B 282 -18.26 -23.57 -21.67
N TRP B 283 -18.08 -24.67 -22.38
CA TRP B 283 -19.10 -25.20 -23.30
C TRP B 283 -20.39 -25.63 -22.59
N GLN B 284 -20.26 -26.28 -21.43
CA GLN B 284 -21.42 -26.75 -20.69
C GLN B 284 -22.09 -25.68 -19.85
N ASN B 285 -21.29 -24.80 -19.25
CA ASN B 285 -21.81 -23.72 -18.42
C ASN B 285 -22.87 -22.90 -19.16
N LEU B 286 -22.68 -22.68 -20.47
CA LEU B 286 -23.63 -21.86 -21.22
C LEU B 286 -24.89 -22.65 -21.55
N ARG B 287 -24.77 -23.96 -21.73
CA ARG B 287 -25.97 -24.78 -21.91
C ARG B 287 -26.77 -24.86 -20.62
N LEU B 288 -26.14 -24.78 -19.48
CA LEU B 288 -26.86 -24.83 -18.18
C LEU B 288 -27.46 -23.45 -17.85
N LYS B 289 -26.77 -22.35 -18.27
CA LYS B 289 -27.28 -21.02 -17.92
C LYS B 289 -28.52 -20.66 -18.73
N THR B 290 -28.42 -20.70 -20.06
CA THR B 290 -29.52 -20.27 -20.93
C THR B 290 -30.72 -21.21 -20.89
N ALA B 291 -30.70 -22.26 -20.10
CA ALA B 291 -31.83 -23.17 -19.99
C ALA B 291 -32.86 -22.64 -19.01
N ILE B 321 -25.25 -15.01 -27.84
CA ILE B 321 -24.79 -16.13 -27.02
C ILE B 321 -24.03 -17.13 -27.87
N SER B 322 -24.44 -17.28 -29.12
CA SER B 322 -23.80 -18.21 -30.04
C SER B 322 -22.52 -17.67 -30.66
N LYS B 323 -22.16 -16.42 -30.37
CA LYS B 323 -20.91 -15.89 -30.87
C LYS B 323 -19.75 -16.25 -29.95
N ALA B 324 -19.94 -16.15 -28.65
CA ALA B 324 -18.93 -16.54 -27.68
C ALA B 324 -18.82 -18.05 -27.52
N LYS B 325 -19.62 -18.81 -28.27
CA LYS B 325 -19.57 -20.27 -28.23
C LYS B 325 -18.70 -20.85 -29.34
N ILE B 326 -17.90 -20.13 -30.01
CA ILE B 326 -16.99 -20.68 -31.06
C ILE B 326 -15.61 -20.03 -30.92
N ARG B 327 -15.49 -18.93 -30.21
CA ARG B 327 -14.19 -18.25 -30.02
C ARG B 327 -13.24 -19.20 -29.30
N THR B 328 -13.79 -20.10 -28.45
CA THR B 328 -12.93 -21.02 -27.73
C THR B 328 -12.33 -22.08 -28.65
N VAL B 329 -13.12 -22.57 -29.61
CA VAL B 329 -12.59 -23.54 -30.57
C VAL B 329 -11.61 -22.85 -31.53
N LYS B 330 -11.92 -21.62 -31.93
CA LYS B 330 -11.03 -20.84 -32.77
C LYS B 330 -9.76 -20.42 -32.04
N MET B 331 -9.70 -20.61 -30.72
CA MET B 331 -8.47 -20.42 -29.96
C MET B 331 -7.75 -21.72 -29.67
N THR B 332 -8.48 -22.83 -29.56
CA THR B 332 -7.84 -24.13 -29.40
C THR B 332 -7.09 -24.54 -30.67
N PHE B 333 -7.75 -24.38 -31.82
CA PHE B 333 -7.17 -24.75 -33.11
C PHE B 333 -5.82 -24.08 -33.37
N ILE B 334 -5.82 -22.76 -33.49
CA ILE B 334 -4.61 -22.00 -33.76
C ILE B 334 -3.47 -22.35 -32.81
N ILE B 335 -3.80 -22.65 -31.56
CA ILE B 335 -2.80 -22.99 -30.56
C ILE B 335 -2.16 -24.37 -30.81
N VAL B 336 -2.97 -25.34 -31.20
CA VAL B 336 -2.43 -26.67 -31.45
C VAL B 336 -1.78 -26.77 -32.82
N LEU B 337 -2.39 -26.14 -33.83
CA LEU B 337 -1.89 -26.22 -35.20
C LEU B 337 -0.52 -25.58 -35.34
N ALA B 338 -0.33 -24.39 -34.74
CA ALA B 338 0.97 -23.74 -34.83
C ALA B 338 2.08 -24.64 -34.28
N PHE B 339 1.86 -25.20 -33.09
CA PHE B 339 2.84 -26.08 -32.48
C PHE B 339 3.17 -27.26 -33.39
N ILE B 340 2.14 -27.97 -33.86
CA ILE B 340 2.37 -29.18 -34.64
C ILE B 340 3.10 -28.85 -35.94
N VAL B 341 2.64 -27.83 -36.65
CA VAL B 341 3.24 -27.50 -37.95
C VAL B 341 4.67 -27.02 -37.77
N CYS B 342 4.95 -26.29 -36.69
CA CYS B 342 6.30 -25.76 -36.51
C CYS B 342 7.28 -26.85 -36.12
N TRP B 343 6.84 -27.84 -35.34
CA TRP B 343 7.80 -28.84 -34.86
C TRP B 343 7.90 -30.08 -35.75
N THR B 344 6.90 -30.37 -36.59
CA THR B 344 6.93 -31.69 -37.25
C THR B 344 7.92 -31.88 -38.40
N PRO B 345 8.32 -30.86 -39.18
CA PRO B 345 9.27 -31.14 -40.27
C PRO B 345 10.66 -31.53 -39.78
N PHE B 346 11.15 -30.83 -38.76
CA PHE B 346 12.50 -31.07 -38.25
C PHE B 346 12.67 -32.51 -37.76
N PHE B 347 11.78 -32.95 -36.88
CA PHE B 347 11.93 -34.27 -36.29
C PHE B 347 11.75 -35.39 -37.30
N PHE B 348 10.93 -35.17 -38.32
CA PHE B 348 10.73 -36.18 -39.35
C PHE B 348 12.04 -36.48 -40.09
N VAL B 349 12.68 -35.45 -40.63
CA VAL B 349 13.94 -35.66 -41.35
C VAL B 349 15.02 -36.14 -40.40
N GLN B 350 14.94 -35.73 -39.13
CA GLN B 350 15.95 -36.09 -38.14
C GLN B 350 15.84 -37.56 -37.83
N MET B 351 14.61 -38.01 -37.61
CA MET B 351 14.36 -39.44 -37.32
C MET B 351 14.67 -40.27 -38.58
N TRP B 352 14.40 -39.80 -39.73
CA TRP B 352 14.64 -40.50 -40.99
C TRP B 352 16.12 -40.72 -41.22
N SER B 353 16.89 -39.63 -41.20
CA SER B 353 18.32 -39.69 -41.42
C SER B 353 19.03 -40.53 -40.36
N VAL B 354 18.37 -40.73 -39.23
CA VAL B 354 18.96 -41.52 -38.14
C VAL B 354 18.23 -42.86 -37.99
N TRP B 355 17.51 -43.25 -39.04
CA TRP B 355 16.78 -44.51 -39.02
C TRP B 355 16.78 -45.20 -40.39
N ASP B 356 17.43 -44.58 -41.36
CA ASP B 356 17.50 -45.14 -42.70
C ASP B 356 18.93 -45.06 -43.23
N ALA B 357 19.52 -46.22 -43.49
CA ALA B 357 20.86 -46.25 -44.05
C ALA B 357 20.90 -45.64 -45.44
N ASN B 358 19.83 -45.79 -46.20
CA ASN B 358 19.69 -45.16 -47.51
C ASN B 358 18.76 -43.96 -47.37
N ALA B 359 19.34 -42.77 -47.30
CA ALA B 359 18.60 -41.53 -47.12
C ALA B 359 19.28 -40.44 -47.92
N PRO B 360 18.52 -39.58 -48.60
CA PRO B 360 19.14 -38.56 -49.47
C PRO B 360 19.70 -37.38 -48.69
N LYS B 361 20.86 -37.61 -48.07
CA LYS B 361 21.51 -36.56 -47.28
C LYS B 361 22.18 -35.51 -48.15
N GLU B 362 22.14 -35.64 -49.47
CA GLU B 362 22.77 -34.69 -50.38
C GLU B 362 21.77 -33.80 -51.09
N ALA B 363 20.48 -33.99 -50.88
CA ALA B 363 19.47 -33.13 -51.49
C ALA B 363 19.43 -31.78 -50.78
N SER B 364 18.85 -30.79 -51.45
CA SER B 364 18.73 -29.47 -50.84
C SER B 364 17.67 -29.48 -49.73
N ALA B 365 16.67 -30.35 -49.85
CA ALA B 365 15.61 -30.38 -48.86
C ALA B 365 16.14 -30.70 -47.47
N PHE B 366 16.87 -31.74 -47.29
CA PHE B 366 17.41 -32.15 -45.96
C PHE B 366 18.28 -31.05 -45.37
N ILE B 367 19.19 -30.44 -46.22
CA ILE B 367 20.09 -29.43 -45.70
C ILE B 367 19.31 -28.19 -45.27
N ILE B 368 18.30 -27.81 -46.05
CA ILE B 368 17.60 -26.55 -45.76
C ILE B 368 16.63 -26.73 -44.59
N VAL B 369 16.04 -27.91 -44.45
CA VAL B 369 15.00 -28.04 -43.43
C VAL B 369 15.59 -28.52 -42.10
N MET B 370 16.81 -29.03 -42.15
CA MET B 370 17.47 -29.52 -40.94
C MET B 370 17.88 -28.38 -40.01
N LEU B 371 18.06 -27.18 -40.56
CA LEU B 371 18.44 -26.02 -39.77
C LEU B 371 17.26 -25.31 -39.13
N LEU B 372 16.03 -25.71 -39.44
CA LEU B 372 14.84 -25.05 -38.91
C LEU B 372 14.41 -25.72 -37.60
N ALA B 373 15.08 -25.33 -36.52
CA ALA B 373 14.73 -25.85 -35.21
C ALA B 373 13.92 -24.86 -34.40
N SER B 374 14.27 -23.58 -34.49
CA SER B 374 13.63 -22.53 -33.69
C SER B 374 12.60 -21.81 -34.56
N LEU B 375 11.40 -22.39 -34.65
CA LEU B 375 10.32 -21.80 -35.40
C LEU B 375 9.15 -21.36 -34.53
N ASN B 376 9.02 -21.89 -33.32
CA ASN B 376 7.96 -21.44 -32.42
C ASN B 376 8.26 -20.06 -31.86
N SER B 377 9.55 -19.73 -31.76
CA SER B 377 9.94 -18.43 -31.23
C SER B 377 9.58 -17.30 -32.20
N CYS B 378 9.10 -17.65 -33.39
CA CYS B 378 8.64 -16.64 -34.33
C CYS B 378 7.14 -16.44 -34.24
N CYS B 379 6.40 -17.50 -33.91
CA CYS B 379 4.94 -17.43 -34.01
C CYS B 379 4.29 -17.19 -32.65
N ASN B 380 4.95 -17.57 -31.56
CA ASN B 380 4.34 -17.40 -30.25
C ASN B 380 4.03 -15.95 -29.88
N PRO B 381 4.95 -14.98 -30.04
CA PRO B 381 4.66 -13.62 -29.55
C PRO B 381 3.48 -12.97 -30.24
N TRP B 382 3.31 -13.22 -31.54
CA TRP B 382 2.17 -12.69 -32.27
C TRP B 382 0.86 -13.27 -31.77
N ILE B 383 0.78 -14.60 -31.67
CA ILE B 383 -0.46 -15.25 -31.24
C ILE B 383 -0.86 -14.78 -29.85
N TYR B 384 0.04 -14.92 -28.88
CA TYR B 384 -0.35 -14.72 -27.49
C TYR B 384 -0.57 -13.24 -27.17
N MET B 385 -0.12 -12.34 -28.04
CA MET B 385 -0.37 -10.93 -27.80
C MET B 385 -1.56 -10.44 -28.62
N LEU B 386 -1.91 -11.17 -29.69
CA LEU B 386 -3.07 -10.78 -30.48
C LEU B 386 -4.36 -11.30 -29.87
N PHE B 387 -4.30 -12.47 -29.23
CA PHE B 387 -5.54 -13.06 -28.64
C PHE B 387 -6.10 -12.09 -27.61
N THR B 388 -5.24 -11.44 -26.82
CA THR B 388 -5.72 -10.41 -25.90
C THR B 388 -5.97 -9.11 -26.67
N GLY B 389 -6.92 -8.32 -26.19
CA GLY B 389 -7.44 -7.24 -27.02
C GLY B 389 -6.57 -6.01 -27.05
N HIS B 390 -6.19 -5.50 -25.87
CA HIS B 390 -5.64 -4.15 -25.80
C HIS B 390 -4.23 -4.06 -26.36
N LEU B 391 -3.36 -5.00 -25.98
CA LEU B 391 -1.90 -4.92 -26.16
C LEU B 391 -1.47 -4.37 -27.52
N PHE B 392 -1.97 -4.93 -28.62
CA PHE B 392 -1.52 -4.52 -29.94
C PHE B 392 -1.85 -3.06 -30.22
N HIS B 393 -3.11 -2.67 -30.02
CA HIS B 393 -3.52 -1.29 -30.28
C HIS B 393 -2.85 -0.33 -29.32
N GLU B 394 -2.64 -0.76 -28.07
CA GLU B 394 -1.97 0.10 -27.09
C GLU B 394 -0.54 0.37 -27.50
N LEU B 395 0.17 -0.65 -28.01
CA LEU B 395 1.52 -0.42 -28.51
C LEU B 395 1.51 0.46 -29.75
N VAL B 396 0.55 0.24 -30.65
CA VAL B 396 0.46 1.06 -31.86
C VAL B 396 0.22 2.52 -31.50
N GLN B 397 -0.55 2.76 -30.43
CA GLN B 397 -0.84 4.14 -30.03
C GLN B 397 0.35 4.76 -29.29
N ARG B 398 1.03 3.97 -28.46
CA ARG B 398 2.18 4.50 -27.74
C ARG B 398 3.32 4.87 -28.70
N PHE B 399 3.61 3.99 -29.66
CA PHE B 399 4.67 4.29 -30.62
C PHE B 399 4.31 5.44 -31.53
N LEU B 400 3.01 5.74 -31.64
CA LEU B 400 2.56 6.85 -32.49
C LEU B 400 2.34 8.11 -31.65
N GLN C 11 -42.31 22.15 19.83
CA GLN C 11 -40.92 22.45 19.51
C GLN C 11 -40.79 23.18 18.18
N ALA C 12 -41.93 23.59 17.63
CA ALA C 12 -41.93 24.32 16.37
C ALA C 12 -41.33 25.71 16.49
N ARG C 13 -41.37 26.30 17.69
CA ARG C 13 -40.81 27.63 17.90
C ARG C 13 -39.29 27.64 17.99
N LYS C 14 -38.66 26.47 18.15
CA LYS C 14 -37.21 26.42 18.26
C LYS C 14 -36.55 26.87 16.96
N LEU C 15 -37.05 26.39 15.82
CA LEU C 15 -36.49 26.81 14.53
C LEU C 15 -36.75 28.29 14.28
N VAL C 16 -37.91 28.79 14.71
CA VAL C 16 -38.23 30.21 14.50
C VAL C 16 -37.32 31.10 15.34
N GLU C 17 -36.98 30.65 16.55
CA GLU C 17 -36.07 31.42 17.39
C GLU C 17 -34.69 31.53 16.74
N GLN C 18 -34.18 30.43 16.19
CA GLN C 18 -32.89 30.47 15.50
C GLN C 18 -32.97 31.30 14.24
N LEU C 19 -34.09 31.24 13.53
CA LEU C 19 -34.26 32.09 12.35
C LEU C 19 -34.22 33.57 12.71
N LYS C 20 -34.88 33.94 13.81
CA LYS C 20 -34.84 35.32 14.26
C LYS C 20 -33.44 35.74 14.70
N MET C 21 -32.73 34.82 15.38
CA MET C 21 -31.35 35.12 15.78
C MET C 21 -30.45 35.27 14.57
N GLU C 22 -30.76 34.56 13.48
CA GLU C 22 -29.94 34.64 12.27
C GLU C 22 -30.26 35.88 11.46
N ALA C 23 -31.50 36.35 11.51
CA ALA C 23 -31.91 37.48 10.66
C ALA C 23 -31.22 38.77 11.06
N ASN C 24 -30.89 38.92 12.34
CA ASN C 24 -30.30 40.16 12.86
C ASN C 24 -28.77 40.01 12.86
N ILE C 25 -28.16 40.40 11.74
CA ILE C 25 -26.72 40.31 11.56
C ILE C 25 -26.26 41.50 10.71
N ASP C 26 -25.06 41.98 11.03
CA ASP C 26 -24.43 43.05 10.27
C ASP C 26 -23.69 42.48 9.06
N ARG C 27 -23.69 43.24 7.98
CA ARG C 27 -23.07 42.79 6.73
C ARG C 27 -22.34 43.96 6.08
N ILE C 28 -21.41 43.62 5.19
CA ILE C 28 -20.69 44.57 4.35
C ILE C 28 -20.94 44.17 2.89
N LYS C 29 -20.71 45.11 1.98
CA LYS C 29 -20.95 44.85 0.56
C LYS C 29 -19.79 44.08 -0.06
N VAL C 30 -20.13 43.25 -1.06
CA VAL C 30 -19.14 42.36 -1.66
C VAL C 30 -18.07 43.15 -2.41
N SER C 31 -18.42 44.35 -2.87
CA SER C 31 -17.42 45.21 -3.51
C SER C 31 -16.26 45.53 -2.60
N LYS C 32 -16.43 45.40 -1.29
CA LYS C 32 -15.34 45.53 -0.33
C LYS C 32 -14.96 44.21 0.33
N ALA C 33 -15.84 43.22 0.30
CA ALA C 33 -15.58 41.91 0.89
C ALA C 33 -14.78 41.00 -0.04
N ALA C 34 -14.60 41.38 -1.30
CA ALA C 34 -13.79 40.62 -2.24
C ALA C 34 -12.50 41.32 -2.62
N ALA C 35 -12.49 42.66 -2.64
CA ALA C 35 -11.25 43.39 -2.86
C ALA C 35 -10.31 43.29 -1.67
N ASP C 36 -10.79 42.79 -0.54
CA ASP C 36 -9.94 42.50 0.60
C ASP C 36 -9.30 41.12 0.51
N LEU C 37 -10.01 40.16 -0.09
CA LEU C 37 -9.41 38.85 -0.36
C LEU C 37 -8.40 38.93 -1.49
N MET C 38 -8.54 39.93 -2.37
CA MET C 38 -7.60 40.13 -3.45
C MET C 38 -6.29 40.73 -2.98
N ALA C 39 -6.31 41.53 -1.92
CA ALA C 39 -5.11 42.20 -1.42
C ALA C 39 -4.28 41.33 -0.51
N TYR C 40 -4.78 40.15 -0.11
CA TYR C 40 -4.01 39.28 0.77
C TYR C 40 -2.95 38.50 0.00
N CYS C 41 -3.25 38.11 -1.23
CA CYS C 41 -2.30 37.31 -2.00
C CYS C 41 -1.17 38.16 -2.55
N GLU C 42 -1.48 39.39 -3.00
CA GLU C 42 -0.44 40.24 -3.57
C GLU C 42 0.59 40.64 -2.54
N ALA C 43 0.24 40.59 -1.26
CA ALA C 43 1.21 40.88 -0.20
C ALA C 43 1.99 39.63 0.21
N HIS C 44 1.45 38.44 -0.04
CA HIS C 44 2.11 37.18 0.27
C HIS C 44 2.47 36.38 -0.97
N ALA C 45 2.69 37.05 -2.10
CA ALA C 45 2.89 36.33 -3.36
C ALA C 45 4.28 35.73 -3.45
N LYS C 46 5.29 36.41 -2.90
CA LYS C 46 6.68 36.00 -3.04
C LYS C 46 7.13 35.05 -1.94
N GLU C 47 6.21 34.30 -1.33
CA GLU C 47 6.56 33.32 -0.30
C GLU C 47 5.83 32.00 -0.48
N ASP C 48 5.13 31.79 -1.60
CA ASP C 48 4.51 30.51 -1.90
C ASP C 48 5.37 29.76 -2.88
N PRO C 49 6.12 28.74 -2.45
CA PRO C 49 7.03 28.05 -3.38
C PRO C 49 6.32 27.38 -4.56
N LEU C 50 5.06 26.98 -4.39
CA LEU C 50 4.35 26.32 -5.48
C LEU C 50 3.99 27.27 -6.62
N LEU C 51 4.17 28.57 -6.43
CA LEU C 51 3.98 29.56 -7.49
C LEU C 51 5.28 30.12 -8.03
N THR C 52 6.24 30.40 -7.16
CA THR C 52 7.58 30.84 -7.56
C THR C 52 8.55 29.71 -7.27
N PRO C 53 9.02 28.99 -8.30
CA PRO C 53 9.91 27.85 -8.06
C PRO C 53 11.16 28.25 -7.30
N VAL C 54 11.47 27.50 -6.25
CA VAL C 54 12.64 27.73 -5.41
C VAL C 54 13.88 27.26 -6.14
N PRO C 55 15.08 27.69 -5.75
CA PRO C 55 16.29 27.17 -6.39
C PRO C 55 16.40 25.67 -6.23
N ALA C 56 17.03 25.03 -7.23
CA ALA C 56 17.12 23.57 -7.26
C ALA C 56 17.99 23.00 -6.14
N SER C 57 18.81 23.83 -5.51
CA SER C 57 19.71 23.37 -4.46
C SER C 57 19.16 23.58 -3.05
N GLU C 58 18.05 24.30 -2.90
CA GLU C 58 17.46 24.56 -1.59
C GLU C 58 16.24 23.71 -1.29
N ASN C 59 15.59 23.17 -2.31
CA ASN C 59 14.42 22.34 -2.11
C ASN C 59 14.82 21.07 -1.34
N PRO C 60 14.18 20.78 -0.20
CA PRO C 60 14.56 19.58 0.57
C PRO C 60 14.11 18.28 -0.06
N PHE C 61 13.36 18.32 -1.16
CA PHE C 61 12.88 17.10 -1.80
C PHE C 61 13.59 16.87 -3.12
N VAL C 85 25.98 8.33 4.82
CA VAL C 85 25.07 8.36 5.95
C VAL C 85 25.85 8.35 7.26
N SER C 86 25.27 8.94 8.30
CA SER C 86 25.90 9.00 9.60
C SER C 86 25.81 7.64 10.30
N ALA C 87 26.46 7.55 11.45
CA ALA C 87 26.44 6.31 12.21
C ALA C 87 25.06 6.05 12.80
N GLU C 88 24.26 7.10 13.00
CA GLU C 88 22.92 7.00 13.53
C GLU C 88 21.87 6.90 12.44
N ASP C 89 22.09 7.61 11.33
CA ASP C 89 21.19 7.51 10.18
C ASP C 89 21.16 6.10 9.61
N LYS C 90 22.23 5.32 9.83
CA LYS C 90 22.25 3.93 9.36
C LYS C 90 21.46 3.02 10.29
N ALA C 91 21.57 3.25 11.60
CA ALA C 91 20.74 2.50 12.54
C ALA C 91 19.27 2.80 12.35
N ALA C 92 18.93 4.03 11.96
CA ALA C 92 17.55 4.35 11.65
C ALA C 92 17.03 3.49 10.50
N ALA C 93 17.80 3.37 9.43
CA ALA C 93 17.36 2.57 8.27
C ALA C 93 17.31 1.09 8.61
N GLU C 94 18.27 0.61 9.41
CA GLU C 94 18.20 -0.79 9.85
C GLU C 94 16.96 -1.04 10.70
N ARG C 95 16.53 -0.03 11.47
CA ARG C 95 15.27 -0.15 12.20
C ARG C 95 14.09 -0.19 11.25
N SER C 96 14.11 0.65 10.21
CA SER C 96 12.99 0.69 9.27
C SER C 96 12.89 -0.54 8.40
N LYS C 97 13.96 -1.31 8.26
CA LYS C 97 13.96 -2.47 7.37
C LYS C 97 13.25 -3.70 7.94
N MET C 98 12.86 -3.71 9.21
CA MET C 98 12.17 -4.86 9.79
C MET C 98 10.66 -4.70 9.82
N ILE C 99 10.18 -3.46 9.98
CA ILE C 99 8.75 -3.19 9.91
C ILE C 99 8.18 -3.66 8.59
N ASP C 100 8.93 -3.48 7.50
CA ASP C 100 8.44 -3.87 6.18
C ASP C 100 8.19 -5.37 6.11
N LYS C 101 9.14 -6.17 6.61
CA LYS C 101 8.98 -7.61 6.53
C LYS C 101 7.84 -8.08 7.43
N ASN C 102 7.69 -7.47 8.61
CA ASN C 102 6.57 -7.87 9.47
C ASN C 102 5.22 -7.52 8.82
N LEU C 103 5.11 -6.31 8.28
CA LEU C 103 3.88 -5.91 7.60
C LEU C 103 3.55 -6.84 6.45
N ARG C 104 4.55 -7.17 5.62
CA ARG C 104 4.28 -8.00 4.45
C ARG C 104 3.90 -9.42 4.87
N GLU C 105 4.52 -9.87 6.00
CA GLU C 105 4.23 -11.24 6.51
C GLU C 105 2.78 -11.32 6.99
N ASP C 106 2.31 -10.35 7.74
CA ASP C 106 0.93 -10.34 8.23
C ASP C 106 -0.06 -10.11 7.09
N GLY C 107 0.27 -9.27 6.12
CA GLY C 107 -0.65 -9.05 5.00
C GLY C 107 -0.83 -10.29 4.16
N GLU C 108 0.27 -10.95 3.81
CA GLU C 108 0.18 -12.17 3.00
C GLU C 108 -0.59 -13.26 3.76
N LYS C 109 -0.50 -13.27 5.09
CA LYS C 109 -1.30 -14.23 5.85
C LYS C 109 -2.77 -13.85 5.83
N ALA C 110 -3.09 -12.55 5.85
CA ALA C 110 -4.48 -12.11 5.87
C ALA C 110 -5.13 -12.20 4.49
N ARG C 111 -4.32 -12.43 3.45
CA ARG C 111 -4.81 -12.51 2.07
C ARG C 111 -5.95 -13.50 1.86
N ARG C 112 -6.10 -14.51 2.72
CA ARG C 112 -6.78 -15.75 2.33
C ARG C 112 -8.30 -15.59 2.18
N THR C 113 -8.98 -15.24 3.26
CA THR C 113 -10.39 -15.56 3.44
C THR C 113 -11.33 -14.70 2.58
N LEU C 114 -12.62 -15.04 2.60
CA LEU C 114 -13.68 -14.35 1.90
C LEU C 114 -14.44 -13.44 2.86
N ARG C 115 -15.28 -12.55 2.30
CA ARG C 115 -15.94 -11.54 3.12
C ARG C 115 -17.34 -11.28 2.56
N LEU C 116 -18.35 -11.40 3.43
CA LEU C 116 -19.74 -11.27 3.06
C LEU C 116 -20.39 -10.12 3.84
N LEU C 117 -21.42 -9.52 3.25
CA LEU C 117 -22.18 -8.45 3.87
C LEU C 117 -23.64 -8.86 3.97
N LEU C 118 -24.22 -8.71 5.16
CA LEU C 118 -25.56 -9.20 5.47
C LEU C 118 -26.51 -8.02 5.65
N LEU C 119 -27.44 -7.85 4.72
CA LEU C 119 -28.45 -6.80 4.80
C LEU C 119 -29.80 -7.42 5.19
N GLY C 120 -30.85 -6.60 5.14
CA GLY C 120 -32.18 -7.03 5.57
C GLY C 120 -32.67 -6.06 6.65
N ALA C 121 -33.90 -5.58 6.48
CA ALA C 121 -34.39 -4.52 7.34
C ALA C 121 -34.77 -5.04 8.72
N ASP C 122 -35.80 -5.88 8.79
CA ASP C 122 -36.33 -6.36 10.07
C ASP C 122 -37.44 -7.37 9.76
N ASN C 123 -38.00 -7.93 10.82
CA ASN C 123 -39.10 -8.90 10.76
C ASN C 123 -38.72 -10.17 10.01
N SER C 124 -37.45 -10.36 9.71
CA SER C 124 -36.99 -11.44 8.84
C SER C 124 -36.17 -12.49 9.55
N GLY C 125 -35.39 -12.12 10.55
CA GLY C 125 -34.52 -13.07 11.20
C GLY C 125 -33.17 -13.22 10.53
N LYS C 126 -32.59 -12.12 10.05
CA LYS C 126 -31.29 -12.18 9.38
C LYS C 126 -30.20 -12.70 10.30
N SER C 127 -30.32 -12.47 11.61
CA SER C 127 -29.33 -12.92 12.56
C SER C 127 -29.46 -14.40 12.92
N THR C 128 -30.43 -15.11 12.35
CA THR C 128 -30.70 -16.49 12.70
C THR C 128 -30.82 -17.35 11.44
N ILE C 129 -30.02 -17.18 10.47
CA ILE C 129 -30.08 -18.02 9.22
C ILE C 129 -28.86 -18.95 9.16
N VAL C 130 -27.66 -18.43 9.60
CA VAL C 130 -26.48 -19.29 9.62
C VAL C 130 -26.06 -19.52 11.07
N LYS C 131 -25.92 -20.79 11.43
CA LYS C 131 -25.55 -21.15 12.80
C LYS C 131 -24.35 -22.09 12.82
N GLY C 148 -22.45 -0.06 16.86
CA GLY C 148 -21.17 -0.23 16.20
C GLY C 148 -21.25 -1.12 14.98
N ILE C 149 -20.63 -2.30 15.07
CA ILE C 149 -20.60 -3.25 13.96
C ILE C 149 -20.29 -4.63 14.53
N PHE C 150 -21.05 -5.62 14.05
CA PHE C 150 -20.86 -7.01 14.53
C PHE C 150 -20.07 -7.80 13.49
N GLU C 151 -19.57 -8.98 13.85
CA GLU C 151 -18.76 -9.82 12.99
C GLU C 151 -19.04 -11.27 13.35
N THR C 152 -18.85 -12.15 12.36
CA THR C 152 -19.12 -13.57 12.55
C THR C 152 -18.21 -14.36 11.61
N LYS C 153 -17.75 -15.51 12.12
CA LYS C 153 -16.87 -16.40 11.38
C LYS C 153 -17.50 -17.77 11.29
N PHE C 154 -17.12 -18.49 10.23
CA PHE C 154 -17.44 -19.90 10.07
C PHE C 154 -16.61 -20.43 8.91
N GLN C 155 -16.64 -21.74 8.72
CA GLN C 155 -15.88 -22.36 7.64
C GLN C 155 -16.46 -23.72 7.31
N VAL C 156 -16.47 -24.05 6.02
CA VAL C 156 -16.86 -25.36 5.53
C VAL C 156 -15.85 -25.78 4.47
N ASP C 157 -15.42 -27.04 4.52
CA ASP C 157 -14.43 -27.59 3.59
C ASP C 157 -13.15 -26.76 3.58
N LYS C 158 -12.73 -26.33 4.78
CA LYS C 158 -11.47 -25.65 5.01
C LYS C 158 -11.37 -24.34 4.21
N VAL C 159 -12.50 -23.62 4.16
CA VAL C 159 -12.53 -22.27 3.62
C VAL C 159 -13.31 -21.40 4.57
N ASN C 160 -12.70 -20.27 4.96
CA ASN C 160 -13.22 -19.41 6.02
C ASN C 160 -14.00 -18.25 5.41
N PHE C 161 -15.18 -17.99 5.95
CA PHE C 161 -16.02 -16.87 5.52
C PHE C 161 -16.12 -15.84 6.65
N HIS C 162 -16.25 -14.57 6.27
CA HIS C 162 -16.47 -13.50 7.23
C HIS C 162 -17.76 -12.75 6.92
N MET C 163 -18.66 -12.70 7.91
CA MET C 163 -19.96 -12.08 7.73
C MET C 163 -20.08 -10.89 8.67
N PHE C 164 -20.49 -9.75 8.12
CA PHE C 164 -20.61 -8.50 8.87
C PHE C 164 -22.07 -8.07 8.94
N ASP C 165 -22.42 -7.37 10.01
CA ASP C 165 -23.78 -6.88 10.24
C ASP C 165 -23.69 -5.52 10.90
N VAL C 166 -23.86 -4.46 10.11
CA VAL C 166 -23.73 -3.09 10.59
C VAL C 166 -25.00 -2.75 11.37
N GLY C 167 -24.95 -2.86 12.68
CA GLY C 167 -26.09 -2.57 13.53
C GLY C 167 -26.19 -1.10 13.89
N ARG C 173 -28.15 4.04 4.72
CA ARG C 173 -27.03 3.24 4.22
C ARG C 173 -26.46 3.85 2.95
N ARG C 174 -26.92 5.06 2.62
CA ARG C 174 -26.53 5.71 1.39
C ARG C 174 -25.11 6.25 1.42
N LYS C 175 -24.43 6.20 2.56
CA LYS C 175 -23.09 6.76 2.67
C LYS C 175 -22.03 5.73 3.01
N TRP C 176 -22.22 4.95 4.07
CA TRP C 176 -21.20 4.01 4.50
C TRP C 176 -21.15 2.75 3.65
N ILE C 177 -21.88 2.70 2.53
CA ILE C 177 -21.87 1.52 1.68
C ILE C 177 -20.65 1.43 0.79
N GLN C 178 -19.85 2.50 0.69
CA GLN C 178 -18.64 2.46 -0.13
C GLN C 178 -17.59 1.56 0.49
N CYS C 179 -17.59 1.41 1.81
CA CYS C 179 -16.56 0.61 2.48
C CYS C 179 -16.61 -0.84 2.02
N PHE C 180 -17.81 -1.36 1.78
CA PHE C 180 -17.99 -2.75 1.34
C PHE C 180 -18.05 -2.84 -0.18
N ASN C 181 -17.03 -2.32 -0.85
CA ASN C 181 -16.98 -2.24 -2.31
C ASN C 181 -16.24 -3.41 -2.93
N ASP C 182 -15.43 -4.14 -2.16
CA ASP C 182 -14.64 -5.24 -2.69
C ASP C 182 -15.04 -6.56 -2.06
N VAL C 183 -16.32 -6.70 -1.69
CA VAL C 183 -16.81 -7.91 -1.06
C VAL C 183 -17.11 -8.95 -2.14
N THR C 184 -17.35 -10.20 -1.72
CA THR C 184 -17.66 -11.26 -2.68
C THR C 184 -19.13 -11.27 -3.06
N ALA C 185 -20.03 -11.20 -2.08
CA ALA C 185 -21.46 -11.21 -2.35
C ALA C 185 -22.19 -10.53 -1.22
N ILE C 186 -23.38 -10.00 -1.55
CA ILE C 186 -24.28 -9.40 -0.59
C ILE C 186 -25.45 -10.34 -0.36
N ILE C 187 -25.89 -10.43 0.89
CA ILE C 187 -27.00 -11.30 1.26
C ILE C 187 -28.20 -10.42 1.61
N PHE C 188 -29.35 -10.72 1.02
CA PHE C 188 -30.58 -9.96 1.22
C PHE C 188 -31.66 -10.91 1.72
N VAL C 189 -32.31 -10.54 2.82
CA VAL C 189 -33.33 -11.37 3.44
C VAL C 189 -34.67 -10.64 3.39
N VAL C 190 -35.73 -11.40 3.10
CA VAL C 190 -37.07 -10.85 2.92
C VAL C 190 -38.07 -11.74 3.66
N ASP C 191 -39.11 -11.13 4.19
CA ASP C 191 -40.22 -11.83 4.81
C ASP C 191 -41.25 -12.18 3.74
N SER C 192 -41.58 -13.46 3.63
CA SER C 192 -42.53 -13.95 2.64
C SER C 192 -43.90 -14.26 3.24
N SER C 193 -44.25 -13.59 4.34
CA SER C 193 -45.56 -13.77 4.96
C SER C 193 -46.17 -12.46 5.41
N ASP C 194 -45.65 -11.32 4.92
CA ASP C 194 -46.10 -10.00 5.36
C ASP C 194 -46.42 -9.21 4.08
N TYR C 195 -47.67 -9.30 3.64
CA TYR C 195 -48.03 -8.79 2.32
C TYR C 195 -48.02 -7.27 2.24
N ASN C 196 -47.98 -6.56 3.37
CA ASN C 196 -48.01 -5.10 3.31
C ASN C 196 -46.60 -4.53 3.15
N ARG C 197 -45.61 -5.09 3.84
CA ARG C 197 -44.23 -4.62 3.68
C ARG C 197 -43.56 -5.15 2.42
N LEU C 198 -44.16 -5.92 1.63
CA LEU C 198 -43.52 -6.48 0.41
C LEU C 198 -43.20 -5.34 -0.55
N GLN C 199 -44.18 -4.34 -0.66
CA GLN C 199 -43.88 -3.22 -1.56
C GLN C 199 -42.73 -2.36 -1.05
N GLU C 200 -42.46 -2.40 0.26
CA GLU C 200 -41.27 -1.74 0.78
C GLU C 200 -40.01 -2.53 0.44
N ALA C 201 -40.07 -3.86 0.64
CA ALA C 201 -38.95 -4.72 0.28
C ALA C 201 -38.65 -4.70 -1.21
N LEU C 202 -39.67 -4.65 -2.07
CA LEU C 202 -39.45 -4.61 -3.51
C LEU C 202 -38.66 -3.37 -3.91
N ASN C 203 -38.96 -2.24 -3.29
CA ASN C 203 -38.25 -1.00 -3.61
C ASN C 203 -36.89 -0.92 -2.97
N ASP C 204 -36.71 -1.49 -1.78
CA ASP C 204 -35.37 -1.57 -1.19
C ASP C 204 -34.45 -2.42 -2.06
N PHE C 205 -34.96 -3.55 -2.55
CA PHE C 205 -34.15 -4.40 -3.42
C PHE C 205 -33.69 -3.65 -4.66
N LYS C 206 -34.58 -2.87 -5.27
CA LYS C 206 -34.22 -2.13 -6.47
C LYS C 206 -33.32 -0.94 -6.16
N SER C 207 -33.42 -0.35 -4.97
CA SER C 207 -32.48 0.66 -4.54
C SER C 207 -31.09 0.10 -4.30
N ILE C 208 -30.98 -1.17 -3.93
CA ILE C 208 -29.67 -1.79 -3.75
C ILE C 208 -29.09 -2.27 -5.08
N TRP C 209 -29.93 -2.85 -5.95
CA TRP C 209 -29.44 -3.41 -7.20
C TRP C 209 -28.94 -2.34 -8.17
N ASN C 210 -29.50 -1.13 -8.09
CA ASN C 210 -29.14 -0.06 -9.00
C ASN C 210 -28.17 0.94 -8.37
N ASN C 211 -27.34 0.49 -7.43
CA ASN C 211 -26.40 1.39 -6.79
C ASN C 211 -25.22 1.67 -7.73
N ARG C 212 -24.46 2.71 -7.38
CA ARG C 212 -23.34 3.12 -8.23
C ARG C 212 -22.08 2.35 -7.91
N TRP C 213 -21.84 2.07 -6.64
CA TRP C 213 -20.63 1.38 -6.20
C TRP C 213 -20.76 -0.14 -6.20
N LEU C 214 -21.94 -0.67 -6.48
CA LEU C 214 -22.20 -2.11 -6.46
C LEU C 214 -22.58 -2.60 -7.84
N ARG C 215 -21.84 -2.16 -8.87
CA ARG C 215 -22.20 -2.50 -10.23
C ARG C 215 -21.79 -3.93 -10.61
N THR C 216 -20.82 -4.50 -9.91
CA THR C 216 -20.30 -5.82 -10.26
C THR C 216 -20.36 -6.80 -9.10
N ILE C 217 -21.18 -6.51 -8.09
CA ILE C 217 -21.29 -7.39 -6.89
C ILE C 217 -22.58 -8.21 -7.00
N SER C 218 -22.46 -9.55 -7.02
CA SER C 218 -23.61 -10.42 -7.14
C SER C 218 -24.45 -10.35 -5.86
N VAL C 219 -25.66 -10.93 -5.93
CA VAL C 219 -26.59 -10.87 -4.81
C VAL C 219 -27.25 -12.23 -4.63
N ILE C 220 -27.17 -12.74 -3.41
CA ILE C 220 -27.93 -13.92 -3.03
C ILE C 220 -29.21 -13.44 -2.37
N LEU C 221 -30.26 -14.25 -2.44
CA LEU C 221 -31.58 -13.84 -1.97
C LEU C 221 -32.25 -15.02 -1.29
N PHE C 222 -32.68 -14.82 -0.05
CA PHE C 222 -33.39 -15.83 0.72
C PHE C 222 -34.80 -15.35 1.00
N LEU C 223 -35.79 -16.15 0.65
CA LEU C 223 -37.20 -15.84 0.92
C LEU C 223 -37.59 -16.59 2.19
N ASN C 224 -37.60 -15.89 3.31
CA ASN C 224 -37.67 -16.51 4.63
C ASN C 224 -39.10 -16.79 5.05
N LYS C 225 -39.24 -17.62 6.08
CA LYS C 225 -40.52 -17.92 6.73
C LYS C 225 -41.56 -18.43 5.73
N GLN C 226 -41.21 -19.53 5.04
CA GLN C 226 -42.14 -20.10 4.07
C GLN C 226 -43.17 -21.00 4.75
N ASP C 227 -42.95 -21.38 6.00
CA ASP C 227 -43.90 -22.24 6.69
C ASP C 227 -45.16 -21.47 7.05
N LEU C 228 -45.03 -20.17 7.32
CA LEU C 228 -46.21 -19.36 7.62
C LEU C 228 -47.04 -19.11 6.38
N LEU C 229 -46.39 -19.05 5.21
CA LEU C 229 -47.10 -18.77 3.97
C LEU C 229 -48.08 -19.87 3.62
N ALA C 230 -47.69 -21.13 3.83
CA ALA C 230 -48.60 -22.25 3.58
C ALA C 230 -49.85 -22.14 4.45
N GLU C 231 -49.67 -21.88 5.75
CA GLU C 231 -50.81 -21.71 6.64
C GLU C 231 -51.70 -20.57 6.19
N LYS C 232 -51.10 -19.42 5.88
CA LYS C 232 -51.89 -18.26 5.49
C LYS C 232 -52.67 -18.50 4.21
N VAL C 233 -52.09 -19.26 3.27
CA VAL C 233 -52.74 -19.44 1.97
C VAL C 233 -53.79 -20.53 2.06
N LEU C 234 -53.58 -21.55 2.90
CA LEU C 234 -54.55 -22.64 2.97
C LEU C 234 -55.70 -22.28 3.91
N ALA C 235 -55.49 -21.32 4.81
CA ALA C 235 -56.58 -20.86 5.66
C ALA C 235 -57.69 -20.24 4.82
N GLY C 236 -57.33 -19.47 3.79
CA GLY C 236 -58.29 -18.86 2.90
C GLY C 236 -58.88 -17.55 3.35
N LYS C 237 -58.50 -17.05 4.53
CA LYS C 237 -59.06 -15.80 5.02
C LYS C 237 -58.35 -14.58 4.42
N SER C 238 -57.20 -14.77 3.78
CA SER C 238 -56.44 -13.69 3.19
C SER C 238 -56.39 -13.85 1.67
N LYS C 239 -56.65 -12.76 0.95
CA LYS C 239 -56.65 -12.76 -0.50
C LYS C 239 -55.41 -12.00 -0.99
N ILE C 240 -54.59 -12.68 -1.79
CA ILE C 240 -53.35 -12.07 -2.26
C ILE C 240 -53.63 -11.03 -3.33
N GLU C 241 -54.68 -11.26 -4.13
CA GLU C 241 -55.05 -10.29 -5.17
C GLU C 241 -55.53 -8.97 -4.58
N ASP C 242 -55.86 -8.95 -3.29
CA ASP C 242 -56.26 -7.70 -2.65
C ASP C 242 -55.11 -6.70 -2.60
N TYR C 243 -53.88 -7.18 -2.70
CA TYR C 243 -52.69 -6.32 -2.71
C TYR C 243 -52.04 -6.24 -4.09
N PHE C 244 -52.03 -7.33 -4.84
CA PHE C 244 -51.48 -7.36 -6.20
C PHE C 244 -52.55 -7.82 -7.17
N PRO C 245 -53.17 -6.91 -7.92
CA PRO C 245 -54.29 -7.32 -8.78
C PRO C 245 -53.90 -8.26 -9.91
N GLU C 246 -52.65 -8.19 -10.38
CA GLU C 246 -52.23 -9.03 -11.49
C GLU C 246 -52.06 -10.49 -11.10
N PHE C 247 -52.33 -10.86 -9.85
CA PHE C 247 -52.29 -12.26 -9.44
C PHE C 247 -53.50 -13.05 -9.94
N ALA C 248 -54.55 -12.37 -10.42
CA ALA C 248 -55.75 -13.07 -10.85
C ALA C 248 -55.52 -13.78 -12.19
N ARG C 249 -54.61 -13.27 -13.00
CA ARG C 249 -54.38 -13.86 -14.33
C ARG C 249 -53.24 -14.88 -14.31
N TYR C 250 -52.30 -14.75 -13.39
CA TYR C 250 -51.11 -15.59 -13.41
C TYR C 250 -51.46 -17.06 -13.13
N THR C 251 -50.72 -17.96 -13.75
CA THR C 251 -50.85 -19.39 -13.50
C THR C 251 -49.46 -20.01 -13.49
N THR C 252 -49.35 -21.17 -12.85
CA THR C 252 -48.06 -21.83 -12.75
C THR C 252 -47.60 -22.33 -14.11
N PRO C 253 -46.30 -22.24 -14.42
CA PRO C 253 -45.76 -22.75 -15.68
C PRO C 253 -45.48 -24.24 -15.64
N ASP C 263 -49.75 -29.53 -4.04
CA ASP C 263 -49.92 -28.24 -3.38
C ASP C 263 -49.92 -27.10 -4.40
N PRO C 264 -50.98 -27.00 -5.19
CA PRO C 264 -50.98 -25.99 -6.28
C PRO C 264 -51.16 -24.57 -5.79
N ARG C 265 -52.04 -24.34 -4.81
CA ARG C 265 -52.38 -22.98 -4.41
C ARG C 265 -51.21 -22.29 -3.73
N VAL C 266 -50.32 -23.06 -3.11
CA VAL C 266 -49.14 -22.49 -2.46
C VAL C 266 -47.99 -22.32 -3.44
N THR C 267 -47.83 -23.26 -4.37
CA THR C 267 -46.79 -23.15 -5.37
C THR C 267 -47.05 -21.97 -6.30
N ARG C 268 -48.28 -21.85 -6.80
CA ARG C 268 -48.64 -20.72 -7.64
C ARG C 268 -48.48 -19.40 -6.88
N ALA C 269 -48.67 -19.43 -5.56
CA ALA C 269 -48.51 -18.22 -4.77
C ALA C 269 -47.06 -17.83 -4.62
N LYS C 270 -46.18 -18.80 -4.34
CA LYS C 270 -44.78 -18.46 -4.04
C LYS C 270 -44.01 -18.14 -5.32
N TYR C 271 -44.34 -18.80 -6.43
CA TYR C 271 -43.64 -18.49 -7.67
C TYR C 271 -43.97 -17.09 -8.17
N PHE C 272 -45.19 -16.62 -7.94
CA PHE C 272 -45.52 -15.23 -8.27
C PHE C 272 -44.69 -14.26 -7.43
N ILE C 273 -44.46 -14.58 -6.16
CA ILE C 273 -43.64 -13.74 -5.31
C ILE C 273 -42.20 -13.70 -5.81
N ARG C 274 -41.69 -14.86 -6.24
CA ARG C 274 -40.30 -14.90 -6.72
C ARG C 274 -40.15 -14.13 -8.02
N LYS C 275 -41.12 -14.26 -8.92
CA LYS C 275 -41.01 -13.62 -10.23
C LYS C 275 -40.87 -12.11 -10.13
N GLU C 276 -41.50 -11.48 -9.12
CA GLU C 276 -41.42 -10.03 -9.00
C GLU C 276 -40.00 -9.58 -8.71
N PHE C 277 -39.27 -10.34 -7.90
CA PHE C 277 -37.88 -10.00 -7.62
C PHE C 277 -36.99 -10.34 -8.81
N VAL C 278 -37.20 -11.49 -9.44
CA VAL C 278 -36.34 -11.86 -10.56
C VAL C 278 -36.54 -10.93 -11.75
N ASP C 279 -37.71 -10.31 -11.88
CA ASP C 279 -37.92 -9.34 -12.95
C ASP C 279 -37.11 -8.08 -12.74
N ILE C 280 -37.13 -7.52 -11.53
CA ILE C 280 -36.27 -6.39 -11.21
C ILE C 280 -34.81 -6.76 -11.38
N SER C 281 -34.47 -8.03 -11.10
CA SER C 281 -33.11 -8.49 -11.28
C SER C 281 -32.70 -8.45 -12.75
N THR C 282 -33.41 -9.21 -13.59
CA THR C 282 -33.05 -9.34 -15.00
C THR C 282 -33.50 -8.15 -15.85
N ALA C 283 -34.05 -7.10 -15.25
CA ALA C 283 -34.44 -5.93 -16.03
C ALA C 283 -33.24 -5.29 -16.72
N SER C 284 -32.23 -4.90 -15.95
CA SER C 284 -31.07 -4.19 -16.48
C SER C 284 -29.83 -4.61 -15.67
N GLY C 285 -29.09 -5.57 -16.18
CA GLY C 285 -27.87 -6.02 -15.53
C GLY C 285 -26.67 -6.02 -16.45
N ASP C 286 -26.92 -6.16 -17.75
CA ASP C 286 -25.87 -6.21 -18.78
C ASP C 286 -24.91 -7.38 -18.59
N GLY C 287 -25.31 -8.39 -17.82
CA GLY C 287 -24.52 -9.60 -17.71
C GLY C 287 -23.24 -9.47 -16.92
N ARG C 288 -23.12 -8.47 -16.04
CA ARG C 288 -21.95 -8.36 -15.18
C ARG C 288 -22.15 -9.03 -13.83
N HIS C 289 -23.35 -8.90 -13.26
CA HIS C 289 -23.70 -9.57 -12.02
C HIS C 289 -25.10 -10.13 -12.17
N ILE C 290 -25.44 -11.12 -11.35
CA ILE C 290 -26.75 -11.76 -11.37
C ILE C 290 -27.21 -12.00 -9.94
N CYS C 291 -28.44 -12.51 -9.80
CA CYS C 291 -29.07 -12.75 -8.52
C CYS C 291 -29.42 -14.23 -8.40
N TYR C 292 -29.28 -14.78 -7.20
CA TYR C 292 -29.49 -16.21 -6.96
C TYR C 292 -30.59 -16.39 -5.92
N PRO C 293 -31.78 -16.80 -6.32
CA PRO C 293 -32.89 -16.91 -5.38
C PRO C 293 -32.95 -18.27 -4.69
N HIS C 294 -33.44 -18.27 -3.46
CA HIS C 294 -33.61 -19.51 -2.70
C HIS C 294 -34.78 -19.36 -1.74
N PHE C 295 -35.36 -20.50 -1.37
CA PHE C 295 -36.48 -20.59 -0.43
C PHE C 295 -35.95 -21.16 0.88
N THR C 296 -36.06 -20.38 1.95
CA THR C 296 -35.60 -20.80 3.26
C THR C 296 -36.78 -21.18 4.16
N CYS C 297 -36.49 -21.41 5.44
CA CYS C 297 -37.51 -21.71 6.43
C CYS C 297 -37.03 -21.19 7.78
N ALA C 298 -37.80 -21.52 8.83
CA ALA C 298 -37.43 -21.08 10.17
C ALA C 298 -36.26 -21.90 10.72
N VAL C 299 -36.31 -23.22 10.57
CA VAL C 299 -35.23 -24.10 11.01
C VAL C 299 -34.73 -24.85 9.77
N ASP C 300 -33.47 -24.61 9.41
CA ASP C 300 -32.86 -25.27 8.27
C ASP C 300 -31.36 -25.36 8.53
N THR C 301 -30.81 -26.57 8.46
CA THR C 301 -29.39 -26.78 8.72
C THR C 301 -28.54 -26.70 7.47
N GLU C 302 -29.12 -26.91 6.30
CA GLU C 302 -28.36 -26.91 5.03
C GLU C 302 -28.40 -25.53 4.38
N ASN C 303 -27.97 -24.50 5.06
CA ASN C 303 -28.03 -23.13 4.50
C ASN C 303 -26.62 -22.60 4.24
N ALA C 304 -25.59 -23.25 4.84
CA ALA C 304 -24.23 -22.81 4.62
C ALA C 304 -23.61 -23.38 3.35
N ARG C 305 -24.13 -24.50 2.85
CA ARG C 305 -23.61 -25.07 1.61
C ARG C 305 -24.00 -24.23 0.41
N ARG C 306 -25.16 -23.58 0.47
CA ARG C 306 -25.64 -22.80 -0.68
C ARG C 306 -24.74 -21.60 -0.95
N ILE C 307 -24.32 -20.90 0.10
CA ILE C 307 -23.44 -19.76 -0.09
C ILE C 307 -22.11 -20.16 -0.73
N PHE C 308 -21.52 -21.28 -0.31
CA PHE C 308 -20.27 -21.75 -0.90
C PHE C 308 -20.46 -22.21 -2.35
N ASN C 309 -21.53 -22.96 -2.61
CA ASN C 309 -21.81 -23.40 -3.97
C ASN C 309 -22.15 -22.23 -4.88
N ASP C 310 -22.57 -21.10 -4.34
CA ASP C 310 -22.82 -19.91 -5.14
C ASP C 310 -21.61 -18.99 -5.25
N CYS C 311 -20.66 -19.06 -4.32
CA CYS C 311 -19.39 -18.35 -4.49
C CYS C 311 -18.45 -19.06 -5.44
N LYS C 312 -18.51 -20.40 -5.52
CA LYS C 312 -17.78 -21.08 -6.59
C LYS C 312 -18.18 -20.58 -7.96
N ASP C 313 -19.48 -20.36 -8.18
CA ASP C 313 -20.00 -19.86 -9.44
C ASP C 313 -19.79 -18.37 -9.64
N ILE C 314 -19.50 -17.63 -8.57
CA ILE C 314 -19.15 -16.22 -8.73
C ILE C 314 -17.68 -16.09 -9.10
N ILE C 315 -16.83 -16.99 -8.59
CA ILE C 315 -15.40 -16.94 -8.88
C ILE C 315 -15.09 -17.55 -10.24
N LEU C 316 -15.78 -18.65 -10.61
CA LEU C 316 -15.58 -19.23 -11.93
C LEU C 316 -15.94 -18.23 -13.02
N GLN C 317 -17.05 -17.51 -12.84
CA GLN C 317 -17.48 -16.50 -13.79
C GLN C 317 -16.65 -15.23 -13.71
N MET C 318 -15.76 -15.12 -12.72
CA MET C 318 -14.85 -13.99 -12.61
C MET C 318 -13.51 -14.26 -13.26
N ASN C 319 -13.04 -15.52 -13.21
CA ASN C 319 -11.78 -15.86 -13.85
C ASN C 319 -11.89 -15.83 -15.38
N LEU C 320 -13.09 -16.00 -15.93
CA LEU C 320 -13.27 -16.01 -17.38
C LEU C 320 -12.97 -14.65 -18.00
N ARG C 321 -12.97 -13.59 -17.19
CA ARG C 321 -12.87 -12.24 -17.73
C ARG C 321 -11.52 -11.59 -17.47
N GLU C 322 -10.66 -12.20 -16.66
CA GLU C 322 -9.29 -11.69 -16.50
C GLU C 322 -8.38 -12.31 -17.54
N TYR C 323 -8.44 -13.64 -17.72
CA TYR C 323 -7.67 -14.32 -18.74
C TYR C 323 -8.24 -14.13 -20.14
N ASN C 324 -9.34 -13.39 -20.27
CA ASN C 324 -9.94 -13.00 -21.54
C ASN C 324 -10.43 -14.18 -22.37
N LEU C 325 -10.92 -15.24 -21.73
CA LEU C 325 -11.57 -16.31 -22.48
C LEU C 325 -12.98 -15.99 -22.85
N VAL C 326 -13.41 -14.74 -22.74
CA VAL C 326 -14.76 -14.35 -23.13
C VAL C 326 -14.77 -12.84 -23.43
N GLU D 8 -51.96 26.11 17.25
CA GLU D 8 -51.10 26.83 16.33
C GLU D 8 -50.24 25.87 15.51
N LEU D 9 -50.89 24.92 14.85
CA LEU D 9 -50.17 23.95 14.04
C LEU D 9 -49.52 24.60 12.83
N ASP D 10 -50.25 25.46 12.13
CA ASP D 10 -49.73 26.17 10.97
C ASP D 10 -49.54 27.66 11.20
N GLN D 11 -50.03 28.20 12.32
CA GLN D 11 -49.87 29.62 12.60
C GLN D 11 -48.40 29.99 12.76
N LEU D 12 -47.63 29.15 13.47
CA LEU D 12 -46.21 29.41 13.63
C LEU D 12 -45.46 29.17 12.32
N ARG D 13 -45.98 28.31 11.46
CA ARG D 13 -45.31 28.03 10.19
C ARG D 13 -45.41 29.19 9.23
N GLN D 14 -46.26 30.18 9.53
CA GLN D 14 -46.37 31.35 8.67
C GLN D 14 -45.12 32.23 8.77
N GLU D 15 -44.61 32.42 9.98
CA GLU D 15 -43.43 33.27 10.17
C GLU D 15 -42.18 32.66 9.56
N ALA D 16 -42.16 31.34 9.34
CA ALA D 16 -40.99 30.71 8.72
C ALA D 16 -40.73 31.26 7.33
N GLU D 17 -41.74 31.22 6.46
CA GLU D 17 -41.58 31.75 5.11
C GLU D 17 -41.29 33.24 5.14
N GLN D 18 -41.91 33.96 6.08
CA GLN D 18 -41.67 35.40 6.18
C GLN D 18 -40.21 35.70 6.47
N LEU D 19 -39.63 35.02 7.47
CA LEU D 19 -38.23 35.24 7.80
C LEU D 19 -37.31 34.74 6.68
N LYS D 20 -37.68 33.64 6.01
CA LYS D 20 -36.85 33.11 4.94
C LYS D 20 -36.82 34.07 3.75
N ASN D 21 -37.92 34.75 3.48
CA ASN D 21 -37.96 35.75 2.41
C ASN D 21 -37.42 37.10 2.85
N GLN D 22 -37.37 37.37 4.15
CA GLN D 22 -36.81 38.62 4.67
C GLN D 22 -35.28 38.60 4.68
N ILE D 23 -34.68 37.49 5.14
CA ILE D 23 -33.22 37.44 5.15
C ILE D 23 -32.69 37.33 3.73
N ARG D 24 -33.42 36.66 2.84
CA ARG D 24 -33.04 36.64 1.43
C ARG D 24 -33.08 38.04 0.82
N ASP D 25 -34.10 38.83 1.16
CA ASP D 25 -34.16 40.21 0.68
C ASP D 25 -33.02 41.04 1.26
N ALA D 26 -32.69 40.82 2.54
CA ALA D 26 -31.58 41.53 3.16
C ALA D 26 -30.23 41.15 2.56
N ARG D 27 -30.11 39.92 2.04
CA ARG D 27 -28.88 39.53 1.33
C ARG D 27 -28.87 40.07 -0.09
N LYS D 28 -30.05 40.28 -0.69
CA LYS D 28 -30.14 40.81 -2.05
C LYS D 28 -29.44 42.16 -2.17
N ALA D 29 -29.40 42.94 -1.09
CA ALA D 29 -28.85 44.28 -1.17
C ALA D 29 -27.32 44.27 -1.22
N CYS D 30 -26.70 43.28 -0.58
CA CYS D 30 -25.25 43.28 -0.44
C CYS D 30 -24.53 42.91 -1.73
N ALA D 31 -25.24 42.33 -2.70
CA ALA D 31 -24.61 41.89 -3.95
C ALA D 31 -24.61 43.06 -4.94
N ASP D 32 -23.61 43.93 -4.80
CA ASP D 32 -23.45 45.08 -5.68
C ASP D 32 -22.36 44.88 -6.72
N ALA D 33 -21.62 43.78 -6.65
CA ALA D 33 -20.59 43.44 -7.62
C ALA D 33 -20.29 41.95 -7.49
N THR D 34 -19.31 41.49 -8.25
CA THR D 34 -18.93 40.08 -8.25
C THR D 34 -17.42 39.96 -8.20
N LEU D 35 -16.94 38.90 -7.55
CA LEU D 35 -15.50 38.64 -7.51
C LEU D 35 -14.96 38.40 -8.92
N SER D 36 -15.77 37.77 -9.78
CA SER D 36 -15.37 37.51 -11.16
C SER D 36 -15.27 38.79 -12.00
N GLN D 37 -15.63 39.93 -11.42
CA GLN D 37 -15.64 41.20 -12.21
C GLN D 37 -14.34 41.97 -12.00
N ILE D 38 -13.86 42.14 -10.80
CA ILE D 38 -12.66 42.98 -10.53
C ILE D 38 -11.39 42.17 -10.83
N THR D 39 -11.48 40.83 -10.82
CA THR D 39 -10.33 40.00 -11.15
C THR D 39 -10.09 39.91 -12.65
N ASN D 40 -10.72 40.80 -13.44
CA ASN D 40 -10.58 40.74 -14.89
C ASN D 40 -9.20 41.22 -15.33
N ASN D 41 -8.50 41.97 -14.49
CA ASN D 41 -7.17 42.51 -14.80
C ASN D 41 -6.21 41.99 -13.74
N ILE D 42 -5.66 40.79 -13.98
CA ILE D 42 -4.67 40.19 -13.09
C ILE D 42 -3.84 39.21 -13.91
N ASP D 43 -2.62 39.00 -13.45
CA ASP D 43 -1.71 38.09 -14.15
C ASP D 43 -2.18 36.65 -13.95
N PRO D 44 -2.36 35.87 -15.02
CA PRO D 44 -2.71 34.46 -14.85
C PRO D 44 -1.56 33.68 -14.25
N VAL D 45 -1.92 32.59 -13.56
CA VAL D 45 -0.90 31.76 -12.91
C VAL D 45 -0.01 31.10 -13.94
N GLY D 46 -0.56 30.71 -15.08
CA GLY D 46 0.18 29.96 -16.07
C GLY D 46 0.18 28.47 -15.77
N ARG D 47 0.80 27.71 -16.68
CA ARG D 47 0.86 26.27 -16.51
C ARG D 47 1.65 25.92 -15.26
N ILE D 48 1.02 25.18 -14.37
CA ILE D 48 1.66 24.64 -13.17
C ILE D 48 2.08 23.22 -13.47
N GLN D 49 3.39 23.02 -13.64
CA GLN D 49 3.95 21.71 -13.94
C GLN D 49 4.61 21.16 -12.68
N MET D 50 4.06 20.08 -12.15
CA MET D 50 4.57 19.44 -10.95
C MET D 50 4.89 17.99 -11.26
N ARG D 51 5.95 17.48 -10.63
CA ARG D 51 6.41 16.12 -10.83
C ARG D 51 6.51 15.41 -9.49
N THR D 52 6.54 14.09 -9.55
CA THR D 52 6.62 13.29 -8.34
C THR D 52 8.05 13.21 -7.83
N ARG D 53 8.22 13.28 -6.51
CA ARG D 53 9.51 13.21 -5.87
C ARG D 53 9.71 11.95 -5.05
N ARG D 54 8.70 11.52 -4.31
CA ARG D 54 8.79 10.34 -3.46
C ARG D 54 7.52 9.52 -3.60
N THR D 55 7.70 8.20 -3.58
CA THR D 55 6.58 7.26 -3.56
C THR D 55 6.73 6.39 -2.32
N LEU D 56 5.74 6.43 -1.45
CA LEU D 56 5.75 5.64 -0.22
C LEU D 56 4.91 4.38 -0.36
N ARG D 57 5.55 3.22 -0.25
CA ARG D 57 4.86 1.94 -0.37
C ARG D 57 4.96 1.17 0.94
N GLY D 58 3.97 0.32 1.20
CA GLY D 58 3.97 -0.47 2.42
C GLY D 58 2.57 -0.80 2.91
N HIS D 59 1.59 -0.03 2.45
CA HIS D 59 0.20 -0.37 2.72
C HIS D 59 -0.28 -1.43 1.74
N LEU D 60 -1.17 -2.31 2.20
CA LEU D 60 -1.64 -3.43 1.40
C LEU D 60 -3.16 -3.43 1.29
N ALA D 61 -3.77 -2.26 1.24
CA ALA D 61 -5.21 -2.12 1.08
C ALA D 61 -5.51 -0.67 0.74
N LYS D 62 -6.79 -0.32 0.69
CA LYS D 62 -7.19 1.05 0.37
C LYS D 62 -6.75 2.00 1.49
N ILE D 63 -6.48 3.24 1.10
CA ILE D 63 -5.99 4.28 2.00
C ILE D 63 -7.10 5.31 2.16
N TYR D 64 -7.41 5.72 3.39
CA TYR D 64 -8.60 6.60 3.59
C TYR D 64 -8.26 7.99 4.14
N ALA D 65 -7.23 8.13 5.01
CA ALA D 65 -6.98 9.44 5.59
C ALA D 65 -5.47 9.69 5.66
N MET D 66 -5.13 10.96 5.88
CA MET D 66 -3.74 11.38 5.98
C MET D 66 -3.66 12.77 6.60
N HIS D 67 -2.65 12.98 7.44
CA HIS D 67 -2.48 14.28 8.10
C HIS D 67 -0.99 14.53 8.34
N TRP D 68 -0.54 15.75 8.03
CA TRP D 68 0.85 16.13 8.21
C TRP D 68 1.18 16.35 9.68
N GLY D 69 2.44 16.71 9.93
CA GLY D 69 2.87 17.16 11.23
C GLY D 69 3.22 18.64 11.21
N THR D 70 3.31 19.22 12.41
CA THR D 70 3.48 20.66 12.51
C THR D 70 4.89 21.12 12.14
N ASP D 71 5.85 20.20 12.03
CA ASP D 71 7.21 20.54 11.62
C ASP D 71 7.45 20.33 10.12
N SER D 72 6.46 19.81 9.40
CA SER D 72 6.50 19.56 7.96
C SER D 72 7.49 18.49 7.57
N ARG D 73 7.87 17.61 8.49
CA ARG D 73 8.75 16.50 8.17
C ARG D 73 8.14 15.14 8.46
N LEU D 74 7.43 15.09 9.64
CA LEU D 74 6.81 13.81 10.03
C LEU D 74 5.36 13.76 9.52
N LEU D 75 4.83 12.56 9.12
CA LEU D 75 3.40 12.49 8.78
C LEU D 75 2.84 11.13 9.17
N VAL D 76 1.50 11.03 9.13
CA VAL D 76 0.79 9.83 9.57
C VAL D 76 -0.25 9.46 8.53
N SER D 77 -0.46 8.15 8.34
CA SER D 77 -1.42 7.68 7.34
C SER D 77 -2.16 6.46 7.86
N ALA D 78 -3.38 6.29 7.34
CA ALA D 78 -4.33 5.27 7.77
C ALA D 78 -4.97 4.56 6.58
N SER D 79 -5.05 3.24 6.68
CA SER D 79 -5.57 2.43 5.59
C SER D 79 -6.37 1.27 6.16
N GLN D 80 -7.11 0.60 5.27
CA GLN D 80 -8.11 -0.38 5.67
C GLN D 80 -7.52 -1.76 5.96
N ASP D 81 -6.20 -1.94 5.89
CA ASP D 81 -5.62 -3.20 6.31
C ASP D 81 -5.56 -3.33 7.82
N GLY D 82 -5.82 -2.25 8.56
CA GLY D 82 -5.79 -2.26 10.00
C GLY D 82 -4.54 -1.70 10.63
N LYS D 83 -3.85 -0.78 9.97
CA LYS D 83 -2.58 -0.25 10.44
C LYS D 83 -2.55 1.27 10.34
N LEU D 84 -1.77 1.88 11.22
CA LEU D 84 -1.45 3.29 11.18
C LEU D 84 0.06 3.40 11.04
N ILE D 85 0.54 4.25 10.14
CA ILE D 85 1.98 4.29 9.88
C ILE D 85 2.47 5.73 9.91
N ILE D 86 3.57 5.97 10.59
CA ILE D 86 4.20 7.32 10.64
C ILE D 86 5.41 7.30 9.71
N TRP D 87 5.58 8.27 8.87
CA TRP D 87 6.60 8.35 7.84
C TRP D 87 7.49 9.56 8.07
N ASP D 88 8.79 9.35 7.83
CA ASP D 88 9.78 10.42 7.67
C ASP D 88 9.90 10.70 6.17
N SER D 89 9.31 11.81 5.72
CA SER D 89 9.13 12.01 4.29
C SER D 89 10.40 12.47 3.57
N TYR D 90 11.50 12.67 4.28
CA TYR D 90 12.75 13.06 3.63
C TYR D 90 13.55 11.85 3.16
N THR D 91 13.46 10.73 3.87
CA THR D 91 14.19 9.52 3.51
C THR D 91 13.29 8.30 3.34
N THR D 92 11.97 8.45 3.39
CA THR D 92 11.00 7.37 3.29
C THR D 92 11.20 6.30 4.35
N ASN D 93 11.72 6.66 5.52
CA ASN D 93 11.86 5.73 6.62
C ASN D 93 10.55 5.62 7.41
N LYS D 94 10.33 4.46 8.00
CA LYS D 94 9.22 4.25 8.91
C LYS D 94 9.69 4.46 10.35
N VAL D 95 9.10 5.42 11.03
CA VAL D 95 9.43 5.66 12.44
C VAL D 95 8.57 4.82 13.37
N HIS D 96 7.26 4.76 13.13
CA HIS D 96 6.36 3.97 13.97
C HIS D 96 5.33 3.26 13.09
N ALA D 97 4.88 2.10 13.57
CA ALA D 97 3.78 1.37 12.93
C ALA D 97 2.88 0.82 14.03
N ILE D 98 1.63 1.24 14.05
CA ILE D 98 0.70 0.99 15.15
C ILE D 98 -0.43 0.08 14.65
N PRO D 99 -0.70 -1.03 15.31
CA PRO D 99 -1.86 -1.86 14.95
C PRO D 99 -3.12 -1.48 15.73
N LEU D 100 -4.25 -1.51 15.04
CA LEU D 100 -5.52 -1.09 15.63
C LEU D 100 -6.34 -2.28 16.10
N ARG D 101 -7.47 -1.99 16.73
CA ARG D 101 -8.39 -3.01 17.20
C ARG D 101 -9.56 -3.23 16.25
N SER D 102 -9.95 -2.22 15.49
CA SER D 102 -10.92 -2.34 14.41
C SER D 102 -10.26 -1.95 13.10
N SER D 103 -10.80 -2.45 12.00
CA SER D 103 -10.20 -2.22 10.70
C SER D 103 -11.03 -1.30 9.80
N TRP D 104 -12.23 -0.90 10.22
CA TRP D 104 -13.07 -0.02 9.43
C TRP D 104 -12.90 1.41 9.94
N VAL D 105 -11.77 2.02 9.58
CA VAL D 105 -11.43 3.36 10.02
C VAL D 105 -11.73 4.33 8.90
N MET D 106 -11.99 5.59 9.28
CA MET D 106 -12.28 6.63 8.30
C MET D 106 -11.55 7.94 8.56
N THR D 107 -10.91 8.14 9.72
CA THR D 107 -10.25 9.41 9.97
C THR D 107 -9.08 9.20 10.92
N CYS D 108 -8.06 10.04 10.78
CA CYS D 108 -6.99 10.13 11.77
C CYS D 108 -6.45 11.56 11.84
N ALA D 109 -5.69 11.85 12.89
CA ALA D 109 -5.30 13.22 13.19
C ALA D 109 -3.90 13.28 13.81
N TYR D 110 -3.22 14.40 13.61
CA TYR D 110 -1.89 14.62 14.17
C TYR D 110 -2.01 15.70 15.24
N ALA D 111 -1.34 15.51 16.37
CA ALA D 111 -1.41 16.47 17.47
C ALA D 111 -0.40 17.59 17.30
N PRO D 112 -0.83 18.83 17.59
CA PRO D 112 -0.02 20.04 17.34
C PRO D 112 1.36 19.95 17.98
N SER D 113 1.44 19.29 19.13
CA SER D 113 2.70 19.19 19.86
C SER D 113 3.58 18.06 19.34
N GLY D 114 3.00 16.89 19.10
CA GLY D 114 3.75 15.78 18.55
C GLY D 114 3.79 14.58 19.47
N ASN D 115 2.91 14.57 20.48
CA ASN D 115 2.91 13.51 21.49
C ASN D 115 1.79 12.49 21.33
N TYR D 116 0.70 12.84 20.64
CA TYR D 116 -0.44 11.94 20.52
C TYR D 116 -0.92 11.91 19.07
N VAL D 117 -1.57 10.81 18.71
CA VAL D 117 -2.33 10.72 17.47
C VAL D 117 -3.75 10.24 17.82
N ALA D 118 -4.68 10.52 16.91
CA ALA D 118 -6.07 10.11 17.13
C ALA D 118 -6.59 9.41 15.89
N CYS D 119 -7.51 8.42 16.17
CA CYS D 119 -8.05 7.58 15.06
C CYS D 119 -9.52 7.25 15.31
N GLY D 120 -10.32 7.17 14.21
CA GLY D 120 -11.72 6.78 14.36
C GLY D 120 -12.42 6.29 13.11
N GLY D 121 -13.41 5.42 13.28
CA GLY D 121 -14.12 4.85 12.14
C GLY D 121 -15.55 4.39 12.39
N LEU D 122 -15.89 3.21 11.88
CA LEU D 122 -17.25 2.66 11.95
C LEU D 122 -17.57 1.99 13.29
N ASP D 123 -16.72 2.12 14.29
CA ASP D 123 -16.98 1.52 15.59
C ASP D 123 -17.54 2.49 16.61
N ASN D 124 -17.79 3.74 16.22
CA ASN D 124 -18.41 4.79 17.03
C ASN D 124 -17.51 5.29 18.16
N ILE D 125 -16.20 5.02 18.11
CA ILE D 125 -15.28 5.42 19.17
C ILE D 125 -14.13 6.19 18.55
N CYS D 126 -13.60 7.15 19.31
CA CYS D 126 -12.40 7.88 18.97
C CYS D 126 -11.28 7.44 19.90
N SER D 127 -10.17 7.02 19.33
CA SER D 127 -9.02 6.54 20.10
C SER D 127 -7.88 7.54 20.09
N ILE D 128 -7.14 7.54 21.20
CA ILE D 128 -5.99 8.42 21.39
C ILE D 128 -4.78 7.57 21.73
N TYR D 129 -3.65 7.84 21.08
CA TYR D 129 -2.43 7.06 21.20
C TYR D 129 -1.27 7.94 21.59
N ASN D 130 -0.50 7.48 22.59
CA ASN D 130 0.63 8.20 23.17
C ASN D 130 1.92 7.71 22.53
N LEU D 131 2.66 8.64 21.91
CA LEU D 131 3.83 8.28 21.09
C LEU D 131 5.12 8.24 21.90
N LYS D 132 5.51 9.38 22.48
CA LYS D 132 6.81 9.48 23.15
C LYS D 132 6.64 9.13 24.62
N THR D 133 6.81 7.86 24.94
CA THR D 133 6.71 7.43 26.35
C THR D 133 7.87 6.50 26.68
N ARG D 134 8.46 6.62 27.88
CA ARG D 134 9.51 5.73 28.34
C ARG D 134 9.02 4.30 28.22
N GLU D 135 9.97 3.35 28.15
CA GLU D 135 9.77 1.93 27.84
C GLU D 135 9.67 1.68 26.35
N GLY D 136 9.69 2.74 25.53
CA GLY D 136 9.79 2.58 24.09
C GLY D 136 8.64 1.84 23.44
N ASN D 137 7.42 2.07 23.89
CA ASN D 137 6.23 1.44 23.36
C ASN D 137 5.27 2.50 22.85
N VAL D 138 4.15 2.05 22.26
CA VAL D 138 3.05 2.92 21.88
C VAL D 138 1.76 2.25 22.32
N ARG D 139 1.04 2.90 23.24
CA ARG D 139 -0.17 2.33 23.82
C ARG D 139 -1.28 3.38 23.82
N VAL D 140 -2.45 2.96 24.29
CA VAL D 140 -3.65 3.78 24.29
C VAL D 140 -3.67 4.70 25.50
N SER D 141 -4.23 5.88 25.33
CA SER D 141 -4.40 6.82 26.43
C SER D 141 -5.83 6.84 26.94
N ARG D 142 -6.79 7.11 26.06
CA ARG D 142 -8.18 7.26 26.45
C ARG D 142 -9.07 6.96 25.25
N GLU D 143 -10.24 6.37 25.52
CA GLU D 143 -11.24 6.07 24.50
C GLU D 143 -12.50 6.86 24.79
N LEU D 144 -12.98 7.59 23.78
CA LEU D 144 -14.12 8.49 23.93
C LEU D 144 -15.34 7.85 23.30
N ALA D 145 -16.37 7.60 24.10
CA ALA D 145 -17.63 7.04 23.65
C ALA D 145 -18.76 8.01 23.94
N GLY D 146 -19.84 7.91 23.17
CA GLY D 146 -20.97 8.79 23.35
C GLY D 146 -21.69 9.18 22.08
N HIS D 147 -21.13 8.83 20.93
CA HIS D 147 -21.80 9.05 19.65
C HIS D 147 -22.63 7.83 19.27
N THR D 148 -23.74 8.08 18.58
CA THR D 148 -24.64 7.02 18.15
C THR D 148 -24.52 6.71 16.66
N GLY D 149 -23.62 7.38 15.95
CA GLY D 149 -23.35 7.06 14.56
C GLY D 149 -21.86 6.88 14.34
N TYR D 150 -21.45 6.75 13.08
CA TYR D 150 -20.04 6.59 12.77
C TYR D 150 -19.33 7.93 12.78
N LEU D 151 -18.01 7.89 12.94
CA LEU D 151 -17.18 9.08 13.00
C LEU D 151 -16.65 9.42 11.61
N SER D 152 -16.63 10.72 11.30
CA SER D 152 -16.16 11.16 9.99
C SER D 152 -14.96 12.09 10.03
N CYS D 153 -14.72 12.77 11.15
CA CYS D 153 -13.60 13.71 11.22
C CYS D 153 -13.29 13.98 12.69
N CYS D 154 -12.10 14.54 12.92
CA CYS D 154 -11.63 14.90 14.26
C CYS D 154 -10.42 15.79 14.12
N ARG D 155 -10.29 16.74 15.04
CA ARG D 155 -9.17 17.69 15.05
C ARG D 155 -8.82 18.05 16.48
N PHE D 156 -7.53 18.27 16.71
CA PHE D 156 -7.01 18.65 18.02
C PHE D 156 -6.99 20.16 18.18
N LEU D 157 -7.25 20.63 19.40
CA LEU D 157 -6.98 22.01 19.77
C LEU D 157 -5.74 22.12 20.65
N ASP D 158 -5.71 21.36 21.74
CA ASP D 158 -4.56 21.27 22.64
C ASP D 158 -4.32 19.80 22.92
N ASP D 159 -3.49 19.52 23.91
CA ASP D 159 -3.27 18.15 24.35
C ASP D 159 -4.38 17.64 25.26
N ASN D 160 -5.46 18.40 25.45
CA ASN D 160 -6.53 17.98 26.34
C ASN D 160 -7.93 18.28 25.79
N GLN D 161 -8.05 18.63 24.50
CA GLN D 161 -9.34 18.99 23.93
C GLN D 161 -9.39 18.56 22.47
N ILE D 162 -10.47 17.89 22.09
CA ILE D 162 -10.65 17.41 20.71
C ILE D 162 -12.10 17.58 20.30
N VAL D 163 -12.31 17.87 19.01
CA VAL D 163 -13.63 18.03 18.41
C VAL D 163 -13.89 16.85 17.47
N THR D 164 -15.12 16.34 17.50
CA THR D 164 -15.48 15.21 16.66
C THR D 164 -16.79 15.48 15.94
N SER D 165 -16.90 14.86 14.75
CA SER D 165 -18.07 14.93 13.89
C SER D 165 -18.54 13.52 13.57
N SER D 166 -19.85 13.32 13.64
CA SER D 166 -20.43 11.98 13.53
C SER D 166 -21.56 11.98 12.51
N GLY D 167 -21.99 10.77 12.15
CA GLY D 167 -23.11 10.55 11.27
C GLY D 167 -24.47 10.57 11.94
N ASP D 168 -24.52 10.87 13.25
CA ASP D 168 -25.77 11.05 13.95
C ASP D 168 -26.23 12.50 13.98
N THR D 169 -25.72 13.33 13.07
CA THR D 169 -26.19 14.68 12.79
C THR D 169 -25.75 15.68 13.86
N THR D 170 -24.75 15.36 14.67
CA THR D 170 -24.31 16.27 15.73
C THR D 170 -22.79 16.40 15.71
N CYS D 171 -22.28 17.41 16.42
CA CYS D 171 -20.86 17.58 16.66
C CYS D 171 -20.61 17.60 18.17
N ALA D 172 -19.37 17.35 18.58
CA ALA D 172 -19.10 17.27 20.01
C ALA D 172 -17.70 17.78 20.32
N LEU D 173 -17.56 18.34 21.53
CA LEU D 173 -16.28 18.76 22.08
C LEU D 173 -15.99 17.97 23.34
N TRP D 174 -14.74 17.54 23.52
CA TRP D 174 -14.40 16.65 24.62
C TRP D 174 -13.29 17.24 25.47
N ASP D 175 -13.10 16.62 26.65
CA ASP D 175 -11.96 16.84 27.51
C ASP D 175 -11.31 15.48 27.77
N ILE D 176 -10.06 15.33 27.36
CA ILE D 176 -9.45 14.00 27.33
C ILE D 176 -9.15 13.50 28.73
N GLU D 177 -8.78 14.41 29.64
CA GLU D 177 -8.44 13.99 31.00
C GLU D 177 -9.64 13.38 31.71
N THR D 178 -10.76 14.10 31.75
CA THR D 178 -11.97 13.55 32.36
C THR D 178 -12.59 12.47 31.48
N GLY D 179 -12.69 12.73 30.18
CA GLY D 179 -13.24 11.76 29.25
C GLY D 179 -14.72 11.89 28.98
N GLN D 180 -15.29 13.09 29.12
CA GLN D 180 -16.72 13.31 28.99
C GLN D 180 -17.00 14.41 27.98
N GLN D 181 -18.15 14.31 27.32
CA GLN D 181 -18.56 15.30 26.32
C GLN D 181 -19.16 16.50 27.04
N THR D 182 -18.43 17.61 27.02
CA THR D 182 -18.87 18.83 27.69
C THR D 182 -19.79 19.70 26.84
N THR D 183 -19.60 19.69 25.52
CA THR D 183 -20.43 20.54 24.67
C THR D 183 -20.87 19.72 23.47
N THR D 184 -22.14 19.89 23.10
CA THR D 184 -22.73 19.19 21.97
C THR D 184 -23.42 20.20 21.07
N PHE D 185 -23.17 20.10 19.77
CA PHE D 185 -23.69 21.02 18.77
C PHE D 185 -24.71 20.30 17.91
N THR D 186 -25.92 20.86 17.85
CA THR D 186 -27.05 20.30 17.12
C THR D 186 -27.62 21.35 16.18
N GLY D 187 -28.38 20.89 15.18
CA GLY D 187 -29.03 21.80 14.27
C GLY D 187 -29.09 21.34 12.83
N HIS D 188 -28.34 20.39 12.44
CA HIS D 188 -28.33 19.90 11.04
C HIS D 188 -29.45 18.89 10.84
N THR D 189 -29.64 18.41 9.65
CA THR D 189 -30.69 17.47 9.28
C THR D 189 -30.17 16.13 8.80
N GLY D 190 -29.06 16.11 8.05
CA GLY D 190 -28.45 14.89 7.59
C GLY D 190 -27.09 14.63 8.21
N ASP D 191 -26.42 13.60 7.65
CA ASP D 191 -25.09 13.20 8.15
C ASP D 191 -24.08 14.32 7.96
N VAL D 192 -23.09 14.38 8.84
CA VAL D 192 -22.02 15.38 8.81
C VAL D 192 -20.76 14.70 8.30
N MET D 193 -20.13 15.29 7.28
CA MET D 193 -19.03 14.66 6.59
C MET D 193 -17.68 15.34 6.77
N SER D 194 -17.68 16.66 6.94
CA SER D 194 -16.44 17.43 6.94
C SER D 194 -16.30 18.28 8.20
N LEU D 195 -15.10 18.82 8.41
CA LEU D 195 -14.83 19.65 9.61
C LEU D 195 -13.54 20.44 9.32
N SER D 196 -13.43 21.66 9.82
CA SER D 196 -12.29 22.53 9.57
C SER D 196 -12.18 23.54 10.69
N LEU D 197 -11.06 23.53 11.41
CA LEU D 197 -10.82 24.46 12.50
C LEU D 197 -10.28 25.78 11.96
N ALA D 198 -10.54 26.84 12.70
CA ALA D 198 -10.01 28.15 12.34
C ALA D 198 -8.60 28.32 12.88
N PRO D 199 -7.78 29.14 12.22
CA PRO D 199 -6.40 29.36 12.73
C PRO D 199 -6.36 29.92 14.14
N ASP D 200 -7.33 30.77 14.50
CA ASP D 200 -7.41 31.28 15.86
C ASP D 200 -8.05 30.29 16.83
N THR D 201 -8.54 29.15 16.33
CA THR D 201 -9.19 28.11 17.14
C THR D 201 -10.26 28.68 18.06
N ARG D 202 -11.14 29.51 17.50
CA ARG D 202 -12.29 30.01 18.23
C ARG D 202 -13.60 29.73 17.50
N LEU D 203 -13.56 29.27 16.24
CA LEU D 203 -14.75 28.91 15.48
C LEU D 203 -14.41 27.70 14.63
N PHE D 204 -15.44 27.14 13.99
CA PHE D 204 -15.24 26.11 12.98
C PHE D 204 -16.50 25.96 12.14
N VAL D 205 -16.30 25.57 10.88
CA VAL D 205 -17.40 25.35 9.95
C VAL D 205 -17.60 23.86 9.77
N SER D 206 -18.79 23.50 9.29
CA SER D 206 -19.13 22.10 9.13
C SER D 206 -19.83 21.89 7.80
N GLY D 207 -19.76 20.66 7.29
CA GLY D 207 -20.39 20.29 6.03
C GLY D 207 -21.26 19.06 6.22
N ALA D 208 -22.47 19.10 5.66
CA ALA D 208 -23.46 18.09 5.93
C ALA D 208 -23.97 17.47 4.63
N CYS D 209 -24.64 16.33 4.79
CA CYS D 209 -25.17 15.53 3.68
C CYS D 209 -26.48 16.08 3.14
N ASP D 210 -26.81 17.34 3.42
CA ASP D 210 -28.03 17.96 2.91
C ASP D 210 -27.77 19.33 2.30
N ALA D 211 -26.56 19.57 1.81
CA ALA D 211 -26.22 20.74 1.00
C ALA D 211 -26.28 22.05 1.81
N SER D 212 -25.99 22.00 3.10
CA SER D 212 -25.92 23.20 3.92
C SER D 212 -24.66 23.18 4.77
N ALA D 213 -24.10 24.36 5.02
CA ALA D 213 -22.88 24.51 5.81
C ALA D 213 -23.11 25.50 6.94
N LYS D 214 -22.82 25.08 8.17
CA LYS D 214 -23.03 25.93 9.33
C LYS D 214 -21.73 26.36 10.00
N LEU D 215 -21.76 27.53 10.62
CA LEU D 215 -20.58 28.10 11.33
C LEU D 215 -20.91 28.05 12.83
N TRP D 216 -20.01 27.52 13.64
CA TRP D 216 -20.24 27.33 15.07
C TRP D 216 -19.32 28.23 15.89
N ASP D 217 -19.63 28.33 17.18
CA ASP D 217 -18.81 29.05 18.14
C ASP D 217 -18.45 28.09 19.27
N VAL D 218 -17.16 28.00 19.60
CA VAL D 218 -16.70 26.97 20.52
C VAL D 218 -17.02 27.36 21.97
N ARG D 219 -16.89 28.64 22.30
CA ARG D 219 -17.06 29.07 23.69
C ARG D 219 -18.54 29.17 24.06
N GLU D 220 -19.38 29.64 23.13
CA GLU D 220 -20.80 29.78 23.41
C GLU D 220 -21.54 28.46 23.23
N GLY D 221 -21.50 27.90 22.03
CA GLY D 221 -22.05 26.58 21.78
C GLY D 221 -23.26 26.52 20.88
N MET D 222 -23.52 27.54 20.06
CA MET D 222 -24.65 27.54 19.15
C MET D 222 -24.20 28.01 17.77
N CYS D 223 -25.10 27.87 16.80
CA CYS D 223 -24.80 28.25 15.43
C CYS D 223 -24.80 29.76 15.29
N ARG D 224 -24.14 30.24 14.23
CA ARG D 224 -24.13 31.67 13.95
C ARG D 224 -24.65 31.97 12.55
N GLN D 225 -24.25 31.17 11.56
CA GLN D 225 -24.64 31.39 10.18
C GLN D 225 -24.80 30.04 9.48
N THR D 226 -25.67 30.04 8.47
CA THR D 226 -25.93 28.86 7.65
C THR D 226 -25.92 29.26 6.19
N PHE D 227 -25.25 28.47 5.35
CA PHE D 227 -25.10 28.82 3.91
C PHE D 227 -25.73 27.73 3.04
N THR D 228 -26.14 28.07 1.82
CA THR D 228 -26.72 27.08 0.91
C THR D 228 -26.30 27.35 -0.53
N GLY D 229 -26.60 26.40 -1.42
CA GLY D 229 -26.63 26.66 -2.84
C GLY D 229 -26.09 25.50 -3.66
N HIS D 230 -25.76 24.41 -2.97
CA HIS D 230 -25.44 23.15 -3.63
C HIS D 230 -26.69 22.32 -3.88
N GLU D 231 -26.63 21.44 -4.86
CA GLU D 231 -27.77 20.54 -5.20
C GLU D 231 -27.51 19.12 -4.69
N SER D 232 -26.39 18.86 -4.01
CA SER D 232 -26.16 17.50 -3.45
C SER D 232 -25.32 17.56 -2.16
N ASP D 233 -25.01 16.41 -1.60
CA ASP D 233 -24.26 16.30 -0.33
C ASP D 233 -22.86 16.90 -0.43
N ILE D 234 -22.38 17.50 0.63
CA ILE D 234 -21.06 18.11 0.71
C ILE D 234 -20.09 17.12 1.32
N ASN D 235 -18.94 16.94 0.67
CA ASN D 235 -17.96 15.94 1.09
C ASN D 235 -16.70 16.51 1.71
N ALA D 236 -16.33 17.75 1.37
CA ALA D 236 -15.09 18.32 1.85
C ALA D 236 -15.27 19.82 2.07
N ILE D 237 -14.61 20.33 3.10
CA ILE D 237 -14.63 21.76 3.45
C ILE D 237 -13.30 22.13 4.09
N CYS D 238 -12.80 23.33 3.79
CA CYS D 238 -11.53 23.77 4.35
C CYS D 238 -11.49 25.28 4.48
N PHE D 239 -10.80 25.75 5.51
CA PHE D 239 -10.69 27.18 5.74
C PHE D 239 -9.58 27.83 4.94
N PHE D 240 -9.80 29.09 4.57
CA PHE D 240 -8.84 29.88 3.84
C PHE D 240 -7.76 30.32 4.85
N PRO D 241 -6.53 30.62 4.38
CA PRO D 241 -5.43 31.02 5.27
C PRO D 241 -5.74 32.28 6.06
N ASN D 242 -6.43 33.22 5.43
CA ASN D 242 -6.82 34.48 6.04
C ASN D 242 -7.73 34.29 7.23
N GLY D 243 -8.62 33.31 7.15
CA GLY D 243 -9.57 33.01 8.20
C GLY D 243 -10.93 33.68 8.06
N ASN D 244 -11.13 34.45 7.00
CA ASN D 244 -12.41 35.10 6.77
C ASN D 244 -13.31 34.46 5.69
N ALA D 245 -12.92 33.30 5.16
CA ALA D 245 -13.69 32.62 4.12
C ALA D 245 -13.39 31.14 4.10
N PHE D 246 -14.22 30.34 3.42
CA PHE D 246 -14.03 28.90 3.32
C PHE D 246 -14.51 28.34 2.00
N ALA D 247 -14.08 27.13 1.64
CA ALA D 247 -14.48 26.47 0.38
C ALA D 247 -15.05 25.08 0.60
N THR D 248 -15.94 24.63 -0.27
CA THR D 248 -16.56 23.33 -0.15
C THR D 248 -16.52 22.55 -1.46
N GLY D 249 -16.86 21.27 -1.37
CA GLY D 249 -16.87 20.39 -2.52
C GLY D 249 -17.93 19.31 -2.43
N SER D 250 -18.70 19.10 -3.50
CA SER D 250 -19.89 18.26 -3.45
C SER D 250 -19.85 17.21 -4.57
N ASP D 251 -20.97 16.49 -4.71
CA ASP D 251 -21.11 15.41 -5.68
C ASP D 251 -21.66 15.88 -7.02
N ASP D 252 -22.11 17.08 -7.16
CA ASP D 252 -22.59 17.62 -8.44
C ASP D 252 -21.42 18.17 -9.27
N ALA D 253 -20.17 17.79 -8.94
CA ALA D 253 -18.99 18.13 -9.73
C ALA D 253 -18.69 19.64 -9.69
N THR D 254 -18.87 20.25 -8.56
CA THR D 254 -18.67 21.72 -8.46
C THR D 254 -18.03 22.09 -7.12
N CYS D 255 -17.21 23.09 -7.09
CA CYS D 255 -16.55 23.63 -5.91
C CYS D 255 -17.03 25.07 -5.72
N ARG D 256 -17.29 25.47 -4.48
CA ARG D 256 -17.85 26.79 -4.23
C ARG D 256 -17.12 27.45 -3.08
N LEU D 257 -16.96 28.83 -3.30
CA LEU D 257 -16.27 29.69 -2.29
C LEU D 257 -17.30 30.60 -1.62
N PHE D 258 -17.42 30.49 -0.25
CA PHE D 258 -18.38 31.30 0.48
C PHE D 258 -17.68 32.47 1.15
N ASP D 259 -18.43 33.20 1.97
CA ASP D 259 -17.90 34.35 2.69
C ASP D 259 -18.53 34.39 4.07
N LEU D 260 -17.83 35.02 5.01
CA LEU D 260 -18.32 35.10 6.39
C LEU D 260 -18.97 36.43 6.75
N ARG D 261 -18.33 37.53 6.39
CA ARG D 261 -18.87 38.85 6.73
C ARG D 261 -19.89 39.35 5.71
N ALA D 262 -20.08 38.63 4.60
CA ALA D 262 -21.08 39.00 3.59
C ALA D 262 -22.24 38.02 3.50
N ASP D 263 -22.12 36.84 4.11
CA ASP D 263 -23.16 35.83 4.24
C ASP D 263 -23.55 35.19 2.92
N GLN D 264 -22.88 35.52 1.81
CA GLN D 264 -23.21 34.95 0.52
C GLN D 264 -21.97 34.41 -0.18
N GLU D 265 -22.19 33.53 -1.15
CA GLU D 265 -21.10 32.89 -1.87
C GLU D 265 -20.50 33.85 -2.89
N LEU D 266 -19.31 33.50 -3.38
CA LEU D 266 -18.57 34.37 -4.28
C LEU D 266 -18.22 33.74 -5.62
N MET D 267 -17.82 32.48 -5.64
CA MET D 267 -17.29 31.88 -6.87
C MET D 267 -17.61 30.40 -6.90
N THR D 268 -17.74 29.88 -8.12
CA THR D 268 -17.95 28.47 -8.38
C THR D 268 -17.02 28.00 -9.49
N TYR D 269 -16.50 26.78 -9.33
CA TYR D 269 -15.47 26.21 -10.21
C TYR D 269 -16.06 24.98 -10.90
N SER D 270 -16.49 25.16 -12.15
CA SER D 270 -17.16 24.10 -12.89
C SER D 270 -16.56 23.96 -14.28
N HIS D 271 -16.73 22.78 -14.86
CA HIS D 271 -16.28 22.50 -16.22
C HIS D 271 -17.22 21.47 -16.85
N ASP D 272 -17.58 21.70 -18.12
CA ASP D 272 -18.54 20.82 -18.79
C ASP D 272 -17.98 19.43 -19.07
N ASN D 273 -16.66 19.27 -19.06
CA ASN D 273 -16.06 17.96 -19.26
C ASN D 273 -15.94 17.15 -17.97
N ILE D 274 -16.19 17.77 -16.82
CA ILE D 274 -16.10 17.09 -15.54
C ILE D 274 -17.49 16.63 -15.13
N ILE D 275 -17.61 15.37 -14.75
CA ILE D 275 -18.92 14.80 -14.45
C ILE D 275 -18.89 14.00 -13.15
N CYS D 276 -17.72 13.88 -12.54
CA CYS D 276 -17.54 13.13 -11.31
C CYS D 276 -17.51 14.06 -10.11
N GLY D 277 -17.59 13.46 -8.92
CA GLY D 277 -17.70 14.21 -7.68
C GLY D 277 -16.37 14.46 -7.00
N ILE D 278 -16.30 15.60 -6.30
CA ILE D 278 -15.09 15.97 -5.56
C ILE D 278 -15.03 15.19 -4.25
N THR D 279 -13.82 14.75 -3.88
CA THR D 279 -13.64 14.00 -2.65
C THR D 279 -12.74 14.69 -1.62
N SER D 280 -11.88 15.62 -2.02
CA SER D 280 -11.03 16.34 -1.09
C SER D 280 -10.66 17.68 -1.70
N VAL D 281 -10.32 18.64 -0.83
CA VAL D 281 -9.99 19.99 -1.26
C VAL D 281 -8.99 20.58 -0.28
N SER D 282 -8.14 21.49 -0.77
CA SER D 282 -7.13 22.09 0.08
C SER D 282 -6.59 23.36 -0.58
N PHE D 283 -6.39 24.39 0.22
CA PHE D 283 -5.84 25.66 -0.25
C PHE D 283 -4.33 25.64 -0.16
N SER D 284 -3.71 26.69 -0.69
CA SER D 284 -2.25 26.83 -0.68
C SER D 284 -1.86 27.82 0.41
N LYS D 285 -0.55 28.05 0.55
CA LYS D 285 -0.06 28.89 1.63
C LYS D 285 -0.41 30.35 1.42
N SER D 286 -0.35 30.82 0.18
CA SER D 286 -0.62 32.23 -0.07
C SER D 286 -2.08 32.51 -0.38
N GLY D 287 -2.82 31.50 -0.82
CA GLY D 287 -4.21 31.69 -1.17
C GLY D 287 -4.46 32.08 -2.61
N ARG D 288 -3.64 31.59 -3.54
CA ARG D 288 -3.85 31.83 -4.97
C ARG D 288 -4.20 30.56 -5.72
N LEU D 289 -3.83 29.40 -5.21
CA LEU D 289 -4.14 28.13 -5.82
C LEU D 289 -5.12 27.36 -4.94
N LEU D 290 -5.87 26.46 -5.56
CA LEU D 290 -6.84 25.64 -4.83
C LEU D 290 -6.80 24.24 -5.44
N LEU D 291 -6.34 23.26 -4.67
CA LEU D 291 -6.21 21.91 -5.19
C LEU D 291 -7.41 21.07 -4.77
N ALA D 292 -7.86 20.22 -5.70
CA ALA D 292 -9.03 19.39 -5.44
C ALA D 292 -8.80 18.00 -6.01
N GLY D 293 -9.47 17.03 -5.42
CA GLY D 293 -9.38 15.65 -5.85
C GLY D 293 -10.71 15.18 -6.41
N TYR D 294 -10.65 14.32 -7.41
CA TYR D 294 -11.83 13.86 -8.12
C TYR D 294 -11.90 12.34 -8.14
N ASP D 295 -13.06 11.83 -8.54
CA ASP D 295 -13.22 10.40 -8.76
C ASP D 295 -12.63 9.96 -10.09
N ASP D 296 -12.28 10.91 -10.96
CA ASP D 296 -11.67 10.65 -12.27
C ASP D 296 -10.25 10.11 -12.16
N PHE D 297 -9.78 9.81 -10.95
CA PHE D 297 -8.45 9.25 -10.70
C PHE D 297 -7.33 10.26 -10.93
N ASN D 298 -7.61 11.55 -10.76
CA ASN D 298 -6.58 12.57 -10.80
C ASN D 298 -7.05 13.79 -10.02
N CYS D 299 -6.11 14.70 -9.78
CA CYS D 299 -6.38 15.93 -9.03
C CYS D 299 -6.28 17.12 -9.97
N ASN D 300 -7.02 18.17 -9.65
CA ASN D 300 -7.01 19.41 -10.42
C ASN D 300 -6.49 20.56 -9.57
N VAL D 301 -5.94 21.56 -10.24
CA VAL D 301 -5.35 22.73 -9.60
C VAL D 301 -6.04 23.95 -10.20
N TRP D 302 -6.99 24.52 -9.47
CA TRP D 302 -7.71 25.70 -9.93
C TRP D 302 -7.04 26.97 -9.45
N ASP D 303 -7.22 28.03 -10.27
CA ASP D 303 -6.76 29.38 -9.84
C ASP D 303 -7.94 29.92 -9.04
N ALA D 304 -7.73 30.21 -7.74
CA ALA D 304 -8.82 30.60 -6.85
C ALA D 304 -9.39 31.97 -7.18
N LEU D 305 -8.68 32.80 -7.93
CA LEU D 305 -9.12 34.16 -8.19
C LEU D 305 -9.66 34.36 -9.61
N LYS D 306 -9.50 33.38 -10.50
CA LYS D 306 -10.04 33.48 -11.84
C LYS D 306 -10.90 32.30 -12.25
N ALA D 307 -10.98 31.25 -11.43
CA ALA D 307 -11.79 30.05 -11.65
C ALA D 307 -11.33 29.24 -12.85
N ASP D 308 -10.26 29.63 -13.54
CA ASP D 308 -9.73 28.89 -14.66
C ASP D 308 -8.79 27.79 -14.17
N ARG D 309 -8.69 26.72 -14.97
CA ARG D 309 -7.82 25.57 -14.58
C ARG D 309 -6.37 25.92 -14.90
N ALA D 310 -5.42 25.34 -14.18
CA ALA D 310 -4.01 25.66 -14.36
C ALA D 310 -3.09 24.46 -14.22
N GLY D 311 -3.60 23.23 -14.24
CA GLY D 311 -2.72 22.08 -14.18
C GLY D 311 -3.47 20.83 -13.77
N VAL D 312 -2.74 19.71 -13.84
CA VAL D 312 -3.24 18.40 -13.43
C VAL D 312 -2.13 17.70 -12.66
N LEU D 313 -2.51 16.66 -11.92
CA LEU D 313 -1.56 15.75 -11.27
C LEU D 313 -2.05 14.33 -11.59
N ALA D 314 -1.60 13.76 -12.71
CA ALA D 314 -2.13 12.44 -13.12
C ALA D 314 -1.08 11.32 -12.90
N GLY D 315 -0.82 10.96 -11.64
CA GLY D 315 0.12 9.85 -11.36
C GLY D 315 -0.55 8.64 -10.73
N HIS D 316 -1.87 8.68 -10.52
CA HIS D 316 -2.55 7.55 -9.81
C HIS D 316 -3.42 6.74 -10.77
N ASP D 317 -3.80 5.52 -10.38
CA ASP D 317 -4.68 4.70 -11.21
C ASP D 317 -5.94 4.27 -10.48
N ASN D 318 -6.37 5.05 -9.48
CA ASN D 318 -7.67 4.91 -8.84
C ASN D 318 -8.02 6.27 -8.24
N ARG D 319 -9.14 6.34 -7.53
CA ARG D 319 -9.58 7.62 -6.97
C ARG D 319 -8.69 8.03 -5.82
N VAL D 320 -8.62 9.34 -5.58
CA VAL D 320 -7.57 9.89 -4.72
C VAL D 320 -7.95 9.79 -3.24
N SER D 321 -8.99 10.52 -2.82
CA SER D 321 -9.59 10.49 -1.48
C SER D 321 -8.78 11.20 -0.39
N CYS D 322 -7.56 11.67 -0.65
CA CYS D 322 -6.83 12.44 0.35
C CYS D 322 -6.00 13.52 -0.34
N LEU D 323 -5.55 14.48 0.46
CA LEU D 323 -4.82 15.66 -0.01
C LEU D 323 -4.30 16.41 1.20
N GLY D 324 -3.18 17.11 1.00
CA GLY D 324 -2.61 17.89 2.09
C GLY D 324 -1.44 18.75 1.69
N VAL D 325 -1.32 19.92 2.30
CA VAL D 325 -0.21 20.84 2.05
C VAL D 325 0.47 21.15 3.39
N THR D 326 1.79 21.28 3.36
CA THR D 326 2.57 21.53 4.56
C THR D 326 2.36 22.96 5.06
N ASP D 327 2.82 23.22 6.28
CA ASP D 327 2.61 24.56 6.91
C ASP D 327 3.52 25.60 6.25
N ASP D 328 4.66 25.17 5.70
CA ASP D 328 5.58 26.09 4.98
C ASP D 328 5.29 26.08 3.48
N GLY D 329 4.45 25.14 3.02
CA GLY D 329 4.07 25.07 1.62
C GLY D 329 5.17 24.58 0.71
N MET D 330 5.86 23.52 1.12
CA MET D 330 6.94 22.96 0.34
C MET D 330 6.42 21.87 -0.60
N ALA D 331 5.86 20.81 -0.02
CA ALA D 331 5.35 19.70 -0.82
C ALA D 331 3.87 19.39 -0.58
N VAL D 332 3.30 18.62 -1.51
CA VAL D 332 1.92 18.18 -1.47
C VAL D 332 1.93 16.66 -1.38
N ALA D 333 1.04 16.12 -0.57
CA ALA D 333 0.97 14.68 -0.36
C ALA D 333 -0.40 14.17 -0.79
N THR D 334 -0.42 13.03 -1.49
CA THR D 334 -1.68 12.47 -1.92
C THR D 334 -1.69 10.96 -1.77
N GLY D 335 -2.83 10.44 -1.31
CA GLY D 335 -3.08 9.03 -1.26
C GLY D 335 -4.15 8.62 -2.26
N SER D 336 -4.42 7.33 -2.32
CA SER D 336 -5.41 6.81 -3.26
C SER D 336 -5.78 5.39 -2.88
N TRP D 337 -6.72 4.83 -3.63
CA TRP D 337 -7.19 3.47 -3.41
C TRP D 337 -6.27 2.41 -4.01
N ASP D 338 -5.15 2.82 -4.60
CA ASP D 338 -4.15 1.88 -5.10
C ASP D 338 -3.01 1.64 -4.11
N SER D 339 -3.15 2.14 -2.87
CA SER D 339 -2.26 1.81 -1.75
C SER D 339 -0.88 2.44 -1.87
N PHE D 340 -0.81 3.64 -2.40
CA PHE D 340 0.46 4.35 -2.52
C PHE D 340 0.31 5.79 -2.05
N LEU D 341 1.35 6.31 -1.41
CA LEU D 341 1.45 7.74 -1.13
C LEU D 341 2.41 8.37 -2.11
N LYS D 342 2.11 9.61 -2.52
CA LYS D 342 3.00 10.30 -3.44
C LYS D 342 3.22 11.72 -2.96
N ILE D 343 4.47 12.18 -3.11
CA ILE D 343 4.86 13.54 -2.74
C ILE D 343 5.16 14.30 -4.02
N TRP D 344 4.42 15.36 -4.25
CA TRP D 344 4.57 16.22 -5.42
C TRP D 344 5.16 17.56 -5.00
N ASN D 345 5.96 18.14 -5.89
CA ASN D 345 6.58 19.43 -5.65
C ASN D 345 6.95 20.10 -6.96
N VAL E 2 12.49 0.80 35.33
CA VAL E 2 13.57 0.30 34.50
C VAL E 2 14.73 -0.15 35.39
N GLN E 3 15.35 -1.27 35.01
CA GLN E 3 16.43 -1.83 35.85
C GLN E 3 17.40 -2.62 34.98
N LEU E 4 18.71 -2.50 35.25
CA LEU E 4 19.75 -3.23 34.54
C LEU E 4 20.79 -3.60 35.59
N VAL E 5 20.85 -4.86 35.99
CA VAL E 5 21.78 -5.29 37.03
C VAL E 5 22.79 -6.27 36.45
N GLU E 6 24.07 -6.04 36.75
CA GLU E 6 25.17 -6.83 36.21
C GLU E 6 25.72 -7.78 37.27
N SER E 7 26.49 -8.77 36.80
CA SER E 7 26.99 -9.84 37.65
C SER E 7 28.42 -10.16 37.23
N GLY E 8 28.90 -11.33 37.64
CA GLY E 8 30.22 -11.80 37.28
C GLY E 8 31.26 -11.44 38.34
N GLY E 9 32.36 -10.83 37.91
CA GLY E 9 33.36 -10.32 38.82
C GLY E 9 34.05 -11.38 39.65
N GLY E 10 34.96 -10.92 40.50
CA GLY E 10 35.71 -11.79 41.37
C GLY E 10 37.20 -11.54 41.34
N LEU E 11 37.98 -12.56 41.70
CA LEU E 11 39.43 -12.51 41.67
C LEU E 11 39.93 -13.57 40.69
N VAL E 12 40.81 -13.18 39.78
CA VAL E 12 41.24 -14.05 38.71
C VAL E 12 42.73 -13.85 38.45
N GLN E 13 43.41 -14.94 38.11
CA GLN E 13 44.81 -14.94 37.73
C GLN E 13 44.95 -14.88 36.20
N PRO E 14 46.07 -14.37 35.69
CA PRO E 14 46.18 -14.13 34.24
C PRO E 14 46.05 -15.41 33.43
N GLY E 15 45.91 -15.23 32.12
CA GLY E 15 45.75 -16.34 31.21
C GLY E 15 44.49 -17.15 31.46
N GLY E 16 43.41 -16.49 31.86
CA GLY E 16 42.17 -17.18 32.14
C GLY E 16 41.00 -16.69 31.31
N SER E 17 39.79 -16.90 31.82
CA SER E 17 38.58 -16.56 31.10
C SER E 17 37.50 -16.19 32.09
N ARG E 18 36.42 -15.61 31.57
CA ARG E 18 35.33 -15.15 32.42
C ARG E 18 34.12 -14.84 31.55
N LYS E 19 32.94 -14.90 32.17
CA LYS E 19 31.68 -14.58 31.52
C LYS E 19 30.91 -13.60 32.38
N LEU E 20 30.42 -12.52 31.78
CA LEU E 20 29.62 -11.52 32.46
C LEU E 20 28.22 -11.52 31.90
N SER E 21 27.24 -11.29 32.77
CA SER E 21 25.84 -11.29 32.39
C SER E 21 25.14 -10.08 32.99
N CYS E 22 24.18 -9.53 32.24
CA CYS E 22 23.39 -8.39 32.66
C CYS E 22 21.92 -8.70 32.45
N SER E 23 21.11 -8.51 33.49
CA SER E 23 19.69 -8.80 33.45
C SER E 23 18.89 -7.50 33.44
N ALA E 24 17.85 -7.49 32.61
CA ALA E 24 17.03 -6.30 32.37
C ALA E 24 15.58 -6.59 32.74
N SER E 25 14.89 -5.57 33.27
CA SER E 25 13.52 -5.74 33.73
C SER E 25 12.81 -4.39 33.71
N GLY E 26 11.86 -4.23 32.80
CA GLY E 26 11.02 -3.05 32.82
C GLY E 26 10.78 -2.35 31.50
N PHE E 27 11.27 -2.90 30.39
CA PHE E 27 11.10 -2.25 29.09
C PHE E 27 11.16 -3.32 28.00
N ALA E 28 10.92 -2.86 26.77
CA ALA E 28 10.88 -3.74 25.59
C ALA E 28 12.31 -3.99 25.12
N PHE E 29 12.96 -4.96 25.78
CA PHE E 29 14.38 -5.21 25.58
C PHE E 29 14.73 -5.46 24.12
N SER E 30 13.82 -6.03 23.35
CA SER E 30 14.13 -6.49 22.01
C SER E 30 14.06 -5.40 20.95
N SER E 31 14.12 -4.13 21.34
CA SER E 31 14.14 -3.02 20.39
C SER E 31 15.15 -1.96 20.76
N PHE E 32 16.10 -2.27 21.64
CA PHE E 32 17.16 -1.35 22.05
C PHE E 32 18.51 -1.94 21.64
N GLY E 33 19.46 -1.08 21.30
CA GLY E 33 20.83 -1.51 21.14
C GLY E 33 21.44 -1.80 22.48
N MET E 34 22.74 -2.13 22.48
CA MET E 34 23.40 -2.34 23.76
C MET E 34 24.85 -1.90 23.67
N HIS E 35 25.40 -1.54 24.84
CA HIS E 35 26.81 -1.20 24.94
C HIS E 35 27.36 -1.68 26.27
N TRP E 36 28.62 -2.11 26.26
CA TRP E 36 29.42 -2.33 27.46
C TRP E 36 30.43 -1.20 27.55
N VAL E 37 30.69 -0.71 28.77
CA VAL E 37 31.60 0.40 29.00
C VAL E 37 32.32 0.17 30.32
N ARG E 38 33.64 0.31 30.31
CA ARG E 38 34.43 0.04 31.51
C ARG E 38 35.12 1.30 31.99
N GLN E 39 35.63 1.22 33.22
CA GLN E 39 36.30 2.34 33.87
C GLN E 39 37.37 1.79 34.80
N ALA E 40 38.63 2.17 34.55
CA ALA E 40 39.77 1.72 35.33
C ALA E 40 39.62 2.18 36.78
N PRO E 41 40.41 1.64 37.72
CA PRO E 41 40.20 2.02 39.14
C PRO E 41 40.35 3.50 39.41
N GLU E 42 41.22 4.20 38.70
CA GLU E 42 41.42 5.63 38.93
C GLU E 42 41.57 6.37 37.60
N LYS E 43 40.72 6.05 36.63
CA LYS E 43 40.78 6.69 35.32
C LYS E 43 39.36 7.00 34.86
N GLY E 44 39.23 7.39 33.59
CA GLY E 44 37.94 7.75 33.03
C GLY E 44 37.15 6.57 32.49
N LEU E 45 36.39 6.80 31.42
CA LEU E 45 35.55 5.77 30.83
C LEU E 45 36.14 5.32 29.50
N GLU E 46 35.78 4.09 29.09
CA GLU E 46 36.33 3.52 27.87
C GLU E 46 35.32 2.55 27.25
N TRP E 47 35.13 2.66 25.94
CA TRP E 47 34.18 1.85 25.20
C TRP E 47 34.79 0.50 24.86
N VAL E 48 33.95 -0.54 24.83
CA VAL E 48 34.40 -1.92 24.73
C VAL E 48 33.76 -2.65 23.55
N ALA E 49 32.43 -2.70 23.51
CA ALA E 49 31.72 -3.46 22.49
C ALA E 49 30.38 -2.81 22.17
N TYR E 50 29.74 -3.28 21.11
CA TYR E 50 28.41 -2.84 20.73
C TYR E 50 27.72 -3.91 19.92
N ILE E 51 26.49 -4.25 20.32
CA ILE E 51 25.63 -5.16 19.56
C ILE E 51 24.32 -4.44 19.29
N SER E 52 23.78 -4.62 18.08
CA SER E 52 22.62 -3.89 17.61
C SER E 52 21.35 -4.64 17.99
N SER E 53 20.23 -4.22 17.41
CA SER E 53 18.93 -4.84 17.65
C SER E 53 18.68 -5.93 16.60
N GLY E 54 18.40 -7.14 17.07
CA GLY E 54 18.32 -8.28 16.19
C GLY E 54 19.63 -9.01 15.99
N SER E 55 20.71 -8.57 16.64
CA SER E 55 22.02 -9.18 16.55
C SER E 55 22.55 -9.18 15.11
N GLY E 56 22.37 -8.09 14.39
CA GLY E 56 22.77 -7.99 13.00
C GLY E 56 23.93 -7.07 12.69
N THR E 57 24.56 -6.48 13.69
CA THR E 57 25.71 -5.60 13.45
C THR E 57 26.50 -5.46 14.73
N ILE E 58 27.74 -5.97 14.72
CA ILE E 58 28.58 -5.98 15.95
C ILE E 58 29.83 -5.14 15.74
N TYR E 59 30.30 -4.45 16.78
CA TYR E 59 31.54 -3.67 16.74
C TYR E 59 32.33 -3.95 18.01
N TYR E 60 33.63 -4.15 17.87
CA TYR E 60 34.53 -4.35 19.00
C TYR E 60 35.56 -3.23 19.05
N ALA E 61 36.33 -3.22 20.13
CA ALA E 61 37.43 -2.29 20.29
C ALA E 61 38.74 -2.95 19.88
N ASP E 62 39.57 -2.20 19.14
CA ASP E 62 40.81 -2.78 18.62
C ASP E 62 41.75 -3.18 19.76
N THR E 63 41.62 -2.53 20.92
CA THR E 63 42.46 -2.88 22.05
C THR E 63 42.21 -4.30 22.53
N VAL E 64 40.98 -4.80 22.37
CA VAL E 64 40.60 -6.11 22.89
C VAL E 64 39.95 -6.95 21.81
N LYS E 65 40.13 -6.57 20.55
CA LYS E 65 39.54 -7.34 19.46
C LYS E 65 40.23 -8.68 19.32
N GLY E 66 39.43 -9.74 19.22
CA GLY E 66 39.97 -11.08 19.04
C GLY E 66 39.65 -12.03 20.16
N ARG E 67 39.70 -11.55 21.40
CA ARG E 67 39.47 -12.38 22.58
C ARG E 67 38.15 -12.13 23.27
N PHE E 68 37.46 -11.02 22.97
CA PHE E 68 36.18 -10.70 23.57
C PHE E 68 35.04 -11.14 22.65
N THR E 69 33.86 -11.35 23.23
CA THR E 69 32.67 -11.71 22.48
C THR E 69 31.43 -11.17 23.18
N ILE E 70 30.44 -10.73 22.40
CA ILE E 70 29.21 -10.15 22.92
C ILE E 70 28.01 -10.90 22.32
N SER E 71 27.00 -11.16 23.14
CA SER E 71 25.86 -11.96 22.67
C SER E 71 24.66 -11.77 23.58
N ARG E 72 23.49 -11.64 22.99
CA ARG E 72 22.27 -11.35 23.75
C ARG E 72 21.28 -12.50 23.63
N ASP E 73 20.49 -12.69 24.69
CA ASP E 73 19.44 -13.71 24.76
C ASP E 73 18.13 -12.98 25.07
N ASP E 74 17.26 -12.90 24.06
CA ASP E 74 16.07 -12.04 24.17
C ASP E 74 14.98 -12.63 25.05
N PRO E 75 14.46 -13.83 24.79
CA PRO E 75 13.33 -14.32 25.60
C PRO E 75 13.66 -14.48 27.07
N LYS E 76 14.94 -14.51 27.45
CA LYS E 76 15.33 -14.50 28.85
C LYS E 76 15.75 -13.12 29.33
N ASN E 77 15.83 -12.13 28.43
CA ASN E 77 16.18 -10.75 28.77
C ASN E 77 17.55 -10.68 29.43
N THR E 78 18.58 -11.07 28.67
CA THR E 78 19.92 -11.11 29.25
C THR E 78 20.96 -10.74 28.20
N LEU E 79 22.04 -10.09 28.64
CA LEU E 79 23.16 -9.73 27.79
C LEU E 79 24.44 -10.36 28.34
N PHE E 80 25.28 -10.86 27.43
CA PHE E 80 26.43 -11.69 27.77
C PHE E 80 27.69 -11.13 27.14
N LEU E 81 28.79 -11.17 27.90
CA LEU E 81 30.10 -10.83 27.38
C LEU E 81 31.10 -11.88 27.86
N GLN E 82 31.78 -12.52 26.92
CA GLN E 82 32.74 -13.57 27.22
C GLN E 82 34.14 -13.05 26.93
N MET E 83 35.04 -13.20 27.90
CA MET E 83 36.41 -12.75 27.80
C MET E 83 37.34 -13.92 28.01
N THR E 84 38.40 -13.99 27.19
CA THR E 84 39.36 -15.08 27.24
C THR E 84 40.78 -14.52 27.17
N SER E 85 41.70 -15.22 27.83
CA SER E 85 43.14 -14.90 27.81
C SER E 85 43.39 -13.47 28.29
N LEU E 86 42.98 -13.22 29.53
CA LEU E 86 43.01 -11.86 30.05
C LEU E 86 44.45 -11.43 30.36
N ARG E 87 44.58 -10.19 30.82
CA ARG E 87 45.87 -9.57 31.09
C ARG E 87 45.77 -8.81 32.39
N SER E 88 46.78 -7.97 32.65
CA SER E 88 46.80 -7.16 33.86
C SER E 88 46.17 -5.79 33.66
N GLU E 89 45.93 -5.37 32.42
CA GLU E 89 45.28 -4.11 32.13
C GLU E 89 43.77 -4.25 31.98
N ASP E 90 43.20 -5.36 32.45
CA ASP E 90 41.77 -5.63 32.36
C ASP E 90 41.12 -5.59 33.73
N THR E 91 41.66 -4.78 34.64
CA THR E 91 41.07 -4.57 35.95
C THR E 91 40.31 -3.24 35.94
N ALA E 92 38.99 -3.32 36.05
CA ALA E 92 38.14 -2.14 35.91
C ALA E 92 36.72 -2.52 36.34
N MET E 93 35.86 -1.50 36.43
CA MET E 93 34.45 -1.69 36.66
C MET E 93 33.71 -1.67 35.32
N TYR E 94 32.79 -2.62 35.14
CA TYR E 94 32.08 -2.80 33.88
C TYR E 94 30.62 -2.46 34.07
N TYR E 95 30.06 -1.70 33.13
CA TYR E 95 28.69 -1.21 33.15
C TYR E 95 27.90 -1.78 31.98
N CYS E 96 26.66 -1.32 31.84
CA CYS E 96 25.79 -1.70 30.74
C CYS E 96 24.91 -0.51 30.38
N VAL E 97 24.81 -0.22 29.08
CA VAL E 97 24.10 0.97 28.60
C VAL E 97 23.15 0.58 27.48
N ARG E 98 21.98 1.23 27.46
CA ARG E 98 20.96 1.02 26.45
C ARG E 98 20.84 2.24 25.56
N SER E 99 20.43 2.01 24.31
CA SER E 99 20.27 3.09 23.35
C SER E 99 19.29 2.68 22.26
N ILE E 100 18.66 3.66 21.64
CA ILE E 100 17.69 3.41 20.58
C ILE E 100 17.83 4.50 19.52
N TYR E 101 17.58 4.14 18.26
CA TYR E 101 17.86 5.02 17.13
C TYR E 101 16.66 5.07 16.19
N TYR E 102 16.03 6.24 16.11
CA TYR E 102 15.12 6.62 15.04
C TYR E 102 15.14 8.14 14.97
N TYR E 103 14.29 8.71 14.13
CA TYR E 103 14.32 10.15 13.95
C TYR E 103 13.78 10.85 15.19
N GLY E 104 14.65 11.54 15.92
CA GLY E 104 14.23 12.34 17.05
C GLY E 104 14.48 11.75 18.41
N SER E 105 15.04 10.54 18.48
CA SER E 105 15.22 9.85 19.75
C SER E 105 16.40 10.42 20.51
N SER E 106 16.76 9.76 21.62
CA SER E 106 17.91 10.13 22.43
C SER E 106 18.56 8.85 22.97
N PRO E 107 19.73 8.48 22.48
CA PRO E 107 20.41 7.28 22.98
C PRO E 107 21.25 7.54 24.22
N PHE E 108 21.73 6.45 24.80
CA PHE E 108 22.61 6.44 25.97
C PHE E 108 21.94 6.97 27.23
N ASP E 109 20.62 6.83 27.37
CA ASP E 109 19.92 7.58 28.39
C ASP E 109 19.99 6.93 29.77
N PHE E 110 19.92 5.60 29.84
CA PHE E 110 19.87 4.91 31.12
C PHE E 110 21.08 3.98 31.25
N TRP E 111 21.86 4.18 32.31
CA TRP E 111 22.99 3.33 32.65
C TRP E 111 22.59 2.37 33.76
N GLY E 112 23.53 1.51 34.14
CA GLY E 112 23.23 0.52 35.16
C GLY E 112 24.17 0.54 36.36
N GLN E 113 24.14 -0.55 37.13
CA GLN E 113 25.06 -0.76 38.25
C GLN E 113 26.13 -1.74 37.81
N GLY E 114 27.40 -1.32 37.88
CA GLY E 114 28.48 -2.11 37.34
C GLY E 114 29.06 -3.12 38.32
N THR E 115 29.93 -3.97 37.81
CA THR E 115 30.62 -4.97 38.61
C THR E 115 32.13 -4.82 38.45
N THR E 116 32.85 -5.20 39.50
CA THR E 116 34.30 -5.10 39.53
C THR E 116 34.91 -6.50 39.46
N LEU E 117 36.12 -6.57 38.90
CA LEU E 117 36.78 -7.85 38.64
C LEU E 117 38.29 -7.61 38.69
N THR E 118 38.96 -8.19 39.68
CA THR E 118 40.38 -7.94 39.91
C THR E 118 41.20 -9.06 39.30
N VAL E 119 42.12 -8.70 38.41
CA VAL E 119 43.00 -9.64 37.73
C VAL E 119 44.42 -9.24 38.07
N SER E 120 44.97 -9.85 39.12
CA SER E 120 46.33 -9.55 39.55
C SER E 120 47.33 -10.52 38.95
N SER E 136 42.54 9.59 11.88
CA SER E 136 42.29 8.32 12.53
C SER E 136 41.25 8.49 13.64
N ASP E 137 41.48 7.82 14.77
CA ASP E 137 40.53 7.85 15.88
C ASP E 137 40.56 9.20 16.59
N ILE E 138 39.40 9.85 16.64
CA ILE E 138 39.31 11.18 17.24
C ILE E 138 39.70 11.13 18.71
N VAL E 139 40.24 12.24 19.20
CA VAL E 139 40.62 12.39 20.60
C VAL E 139 39.93 13.63 21.15
N MET E 140 39.39 13.51 22.36
CA MET E 140 38.73 14.61 23.04
C MET E 140 39.63 15.10 24.16
N THR E 141 39.69 16.42 24.34
CA THR E 141 40.58 17.02 25.32
C THR E 141 39.76 17.79 26.36
N GLN E 142 39.88 17.38 27.61
CA GLN E 142 39.27 18.09 28.74
C GLN E 142 40.38 18.89 29.42
N ALA E 143 40.45 20.18 29.12
CA ALA E 143 41.58 21.00 29.56
C ALA E 143 41.68 21.05 31.08
N THR E 144 40.67 21.59 31.74
CA THR E 144 40.72 21.75 33.19
C THR E 144 40.70 20.40 33.89
N SER E 145 41.06 20.41 35.17
CA SER E 145 41.06 19.21 35.98
C SER E 145 40.35 19.39 37.32
N SER E 146 40.29 20.60 37.85
CA SER E 146 39.58 20.87 39.09
C SER E 146 39.29 22.35 39.17
N VAL E 147 38.08 22.68 39.65
CA VAL E 147 37.65 24.07 39.78
C VAL E 147 36.92 24.23 41.11
N PRO E 148 37.33 25.18 41.94
CA PRO E 148 36.59 25.41 43.20
C PRO E 148 35.28 26.14 42.94
N VAL E 149 34.23 25.72 43.64
CA VAL E 149 32.92 26.34 43.51
C VAL E 149 32.42 26.82 44.87
N PRO E 151 26.02 27.85 46.54
CA PRO E 151 26.90 28.92 46.05
C PRO E 151 26.20 29.89 45.11
N GLY E 152 25.32 29.37 44.25
CA GLY E 152 24.60 30.22 43.33
C GLY E 152 25.47 30.96 42.34
N GLU E 153 26.59 30.37 41.94
CA GLU E 153 27.53 31.00 41.02
C GLU E 153 27.51 30.27 39.68
N SER E 154 27.33 31.03 38.61
CA SER E 154 27.32 30.47 37.26
C SER E 154 28.71 29.97 36.90
N VAL E 155 28.75 28.87 36.16
CA VAL E 155 30.00 28.26 35.74
C VAL E 155 29.96 28.05 34.23
N SER E 156 31.04 27.50 33.69
CA SER E 156 31.09 27.10 32.30
C SER E 156 32.20 26.07 32.13
N ILE E 157 31.94 25.09 31.28
CA ILE E 157 32.88 24.02 30.96
C ILE E 157 33.08 24.01 29.44
N SER E 158 34.10 23.30 28.97
CA SER E 158 34.36 23.25 27.54
C SER E 158 34.99 21.92 27.15
N CYS E 159 34.86 21.61 25.86
CA CYS E 159 35.40 20.41 25.24
C CYS E 159 35.90 20.79 23.85
N ARG E 160 36.83 20.01 23.31
CA ARG E 160 37.34 20.26 21.96
C ARG E 160 37.74 18.95 21.31
N SER E 161 37.64 18.92 19.99
CA SER E 161 37.82 17.71 19.19
C SER E 161 38.93 17.94 18.16
N SER E 162 39.17 16.93 17.32
CA SER E 162 40.16 17.09 16.22
C SER E 162 39.48 17.76 15.02
N LYS E 163 38.43 17.13 14.46
CA LYS E 163 37.69 17.69 13.34
C LYS E 163 36.31 18.16 13.78
N SER E 164 35.62 18.85 12.89
CA SER E 164 34.33 19.45 13.20
C SER E 164 33.23 18.40 13.07
N LEU E 165 32.47 18.22 14.16
CA LEU E 165 31.43 17.20 14.20
C LEU E 165 30.18 17.57 13.41
N LEU E 166 30.12 18.80 12.88
CA LEU E 166 28.95 19.22 12.11
C LEU E 166 28.82 18.40 10.83
N HIS E 167 27.68 17.72 10.69
CA HIS E 167 27.39 16.88 9.54
C HIS E 167 26.63 17.68 8.48
N SER E 168 26.36 17.02 7.36
CA SER E 168 25.58 17.64 6.29
C SER E 168 24.07 17.59 6.54
N ASN E 169 23.63 16.81 7.54
CA ASN E 169 22.22 16.79 7.92
C ASN E 169 21.85 18.01 8.75
N GLY E 170 22.82 18.72 9.30
CA GLY E 170 22.56 19.76 10.27
C GLY E 170 22.77 19.32 11.71
N ASN E 171 23.06 18.04 11.94
CA ASN E 171 23.25 17.51 13.28
C ASN E 171 24.65 17.80 13.80
N THR E 172 24.83 17.59 15.09
CA THR E 172 26.13 17.75 15.73
C THR E 172 26.19 16.77 16.89
N TYR E 173 27.08 15.79 16.81
CA TYR E 173 27.06 14.64 17.70
C TYR E 173 28.07 14.81 18.83
N LEU E 174 27.62 15.46 19.91
CA LEU E 174 28.46 15.60 21.13
C LEU E 174 27.51 15.41 22.33
N TYR E 175 27.91 14.57 23.28
CA TYR E 175 27.10 14.30 24.46
C TYR E 175 27.78 14.75 25.74
N TRP E 176 26.96 15.00 26.75
CA TRP E 176 27.41 15.42 28.07
C TRP E 176 26.90 14.44 29.10
N PHE E 177 27.75 14.08 30.06
CA PHE E 177 27.40 13.15 31.13
C PHE E 177 27.72 13.78 32.48
N LEU E 178 27.52 13.02 33.55
CA LEU E 178 27.75 13.50 34.90
C LEU E 178 27.83 12.32 35.86
N GLN E 179 28.91 12.23 36.62
CA GLN E 179 29.12 11.15 37.57
C GLN E 179 29.28 11.74 38.97
N ARG E 180 28.30 11.51 39.84
CA ARG E 180 28.41 11.86 41.24
C ARG E 180 29.22 10.79 41.98
N PRO E 181 29.78 11.12 43.13
CA PRO E 181 30.60 10.14 43.86
C PRO E 181 29.78 8.93 44.32
N GLY E 182 30.19 7.76 43.86
CA GLY E 182 29.57 6.52 44.26
C GLY E 182 28.26 6.23 43.56
N GLN E 183 28.25 6.30 42.23
CA GLN E 183 27.02 6.18 41.47
C GLN E 183 27.35 5.83 40.03
N SER E 184 26.31 5.73 39.21
CA SER E 184 26.47 5.59 37.77
C SER E 184 26.37 6.95 37.11
N PRO E 185 26.95 7.11 35.92
CA PRO E 185 26.80 8.38 35.19
C PRO E 185 25.36 8.63 34.77
N GLN E 186 25.10 9.81 34.20
CA GLN E 186 23.76 10.18 33.79
C GLN E 186 23.84 11.00 32.52
N LEU E 187 22.70 11.11 31.83
CA LEU E 187 22.62 11.93 30.64
C LEU E 187 22.06 13.29 30.98
N LEU E 188 22.68 14.33 30.43
CA LEU E 188 22.20 15.70 30.58
C LEU E 188 21.73 16.29 29.26
N ILE E 189 22.57 16.27 28.22
CA ILE E 189 22.24 16.86 26.93
C ILE E 189 22.69 15.92 25.83
N TYR E 190 21.85 15.76 24.81
CA TYR E 190 22.19 14.94 23.67
C TYR E 190 22.23 15.79 22.40
N ARG E 191 23.22 15.51 21.55
CA ARG E 191 23.42 16.22 20.30
C ARG E 191 23.58 17.72 20.51
N MET E 192 24.28 18.07 21.59
CA MET E 192 24.87 19.40 21.84
C MET E 192 23.86 20.47 22.22
N SER E 193 22.56 20.23 22.05
CA SER E 193 21.60 21.30 22.28
C SER E 193 20.31 20.88 22.98
N ASN E 194 20.02 19.58 23.11
CA ASN E 194 18.71 19.15 23.60
C ASN E 194 18.80 18.64 25.03
N LEU E 195 17.87 19.09 25.87
CA LEU E 195 17.83 18.71 27.27
C LEU E 195 17.01 17.44 27.44
N ALA E 196 17.49 16.54 28.29
CA ALA E 196 16.87 15.24 28.44
C ALA E 196 15.61 15.34 29.31
N SER E 197 15.06 14.19 29.69
CA SER E 197 13.86 14.10 30.49
C SER E 197 14.24 13.84 31.95
N GLY E 198 13.64 14.61 32.85
CA GLY E 198 13.97 14.53 34.26
C GLY E 198 15.01 15.53 34.72
N VAL E 199 15.50 16.38 33.83
CA VAL E 199 16.57 17.31 34.14
C VAL E 199 15.99 18.71 34.32
N PRO E 200 16.42 19.46 35.35
CA PRO E 200 15.95 20.84 35.48
C PRO E 200 16.50 21.74 34.38
N ASP E 201 16.08 23.01 34.37
CA ASP E 201 16.48 23.95 33.34
C ASP E 201 17.71 24.78 33.73
N ARG E 202 18.36 24.46 34.85
CA ARG E 202 19.59 25.15 35.21
C ARG E 202 20.71 24.83 34.22
N PHE E 203 20.84 23.57 33.83
CA PHE E 203 21.83 23.18 32.85
C PHE E 203 21.38 23.60 31.45
N SER E 204 22.36 23.90 30.60
CA SER E 204 22.07 24.30 29.23
C SER E 204 23.30 24.02 28.37
N GLY E 205 23.10 24.04 27.06
CA GLY E 205 24.15 23.68 26.13
C GLY E 205 24.23 24.67 24.98
N SER E 206 25.37 24.65 24.32
CA SER E 206 25.69 25.61 23.26
C SER E 206 26.89 25.05 22.50
N GLY E 207 27.46 25.88 21.63
CA GLY E 207 28.69 25.52 20.96
C GLY E 207 28.59 25.75 19.47
N SER E 208 29.62 25.30 18.76
CA SER E 208 29.69 25.38 17.31
C SER E 208 30.57 24.23 16.83
N GLY E 209 31.12 24.35 15.63
CA GLY E 209 32.10 23.38 15.16
C GLY E 209 33.38 23.43 15.97
N THR E 210 33.70 22.32 16.65
CA THR E 210 34.89 22.12 17.48
C THR E 210 35.00 23.09 18.64
N ALA E 211 34.04 23.99 18.83
CA ALA E 211 34.06 24.95 19.93
C ALA E 211 32.76 24.82 20.72
N PHE E 212 32.80 24.06 21.81
CA PHE E 212 31.62 23.78 22.61
C PHE E 212 31.77 24.42 23.99
N THR E 213 30.64 24.55 24.69
CA THR E 213 30.64 25.10 26.04
C THR E 213 29.34 24.72 26.74
N LEU E 214 29.46 24.05 27.88
CA LEU E 214 28.31 23.72 28.71
C LEU E 214 28.16 24.79 29.80
N THR E 215 27.05 25.50 29.78
CA THR E 215 26.83 26.65 30.66
C THR E 215 25.85 26.29 31.76
N ILE E 216 26.41 25.85 32.89
CA ILE E 216 25.57 25.57 34.09
C ILE E 216 25.35 26.92 34.81
N SER E 217 24.12 27.27 35.09
CA SER E 217 23.77 28.53 35.73
C SER E 217 22.98 28.24 37.00
N ARG E 218 23.06 29.17 37.95
CA ARG E 218 22.39 29.06 39.25
C ARG E 218 22.77 27.77 39.96
N LEU E 219 24.07 27.64 40.26
CA LEU E 219 24.59 26.42 40.86
C LEU E 219 23.87 26.12 42.17
N GLU E 220 23.65 24.82 42.42
CA GLU E 220 22.98 24.35 43.62
C GLU E 220 23.75 23.16 44.18
N ALA E 221 23.23 22.59 45.25
CA ALA E 221 23.83 21.39 45.83
C ALA E 221 23.49 20.17 44.99
N GLU E 222 24.15 19.05 45.32
CA GLU E 222 24.03 17.79 44.60
C GLU E 222 24.44 17.91 43.14
N ASP E 223 25.21 18.94 42.79
CA ASP E 223 25.71 19.14 41.43
C ASP E 223 27.23 19.02 41.38
N VAL E 224 27.81 18.20 42.25
CA VAL E 224 29.26 18.06 42.36
C VAL E 224 29.67 16.73 41.77
N GLY E 225 30.72 16.75 40.96
CA GLY E 225 31.20 15.52 40.35
C GLY E 225 31.97 15.83 39.08
N VAL E 226 32.42 14.77 38.43
CA VAL E 226 33.21 14.88 37.21
C VAL E 226 32.29 14.92 36.00
N TYR E 227 32.71 15.63 34.97
CA TYR E 227 31.92 15.81 33.75
C TYR E 227 32.73 15.30 32.56
N TYR E 228 32.07 14.63 31.63
CA TYR E 228 32.71 14.13 30.43
C TYR E 228 31.94 14.55 29.19
N CYS E 229 32.66 14.65 28.08
CA CYS E 229 32.07 14.83 26.76
C CYS E 229 32.34 13.58 25.94
N MET E 230 31.43 13.30 25.00
CA MET E 230 31.53 12.09 24.20
C MET E 230 31.10 12.41 22.77
N GLN E 231 31.53 11.57 21.83
CA GLN E 231 31.19 11.73 20.42
C GLN E 231 30.54 10.47 19.89
N HIS E 232 29.77 10.62 18.81
CA HIS E 232 29.08 9.49 18.19
C HIS E 232 29.10 9.56 16.66
N LEU E 233 29.97 10.38 16.07
CA LEU E 233 29.96 10.58 14.62
C LEU E 233 30.47 9.36 13.87
N GLU E 234 31.45 8.65 14.42
CA GLU E 234 31.96 7.45 13.77
C GLU E 234 32.60 6.57 14.82
N TYR E 235 32.53 5.27 14.62
CA TYR E 235 33.15 4.35 15.56
C TYR E 235 34.66 4.38 15.40
N PRO E 236 35.43 4.23 16.50
CA PRO E 236 34.98 3.92 17.85
C PRO E 236 34.45 5.14 18.62
N LEU E 237 33.93 4.90 19.81
CA LEU E 237 33.35 5.96 20.64
C LEU E 237 34.35 6.35 21.71
N THR E 238 34.84 7.59 21.66
CA THR E 238 35.93 8.05 22.51
C THR E 238 35.40 9.01 23.56
N PHE E 239 35.56 8.64 24.83
CA PHE E 239 35.19 9.49 25.95
C PHE E 239 36.27 10.54 26.17
N GLY E 240 36.21 11.23 27.31
CA GLY E 240 37.19 12.23 27.65
C GLY E 240 37.92 11.92 28.94
N ALA E 241 38.64 12.90 29.48
CA ALA E 241 39.41 12.70 30.71
C ALA E 241 38.70 13.21 31.95
N GLY E 242 37.79 14.17 31.82
CA GLY E 242 36.97 14.58 32.94
C GLY E 242 37.32 15.91 33.54
N THR E 243 36.31 16.72 33.83
CA THR E 243 36.49 18.00 34.52
C THR E 243 35.76 17.95 35.85
N LYS E 244 36.51 18.05 36.94
CA LYS E 244 35.98 17.88 38.28
C LYS E 244 35.63 19.22 38.89
N LEU E 245 34.58 19.23 39.70
CA LEU E 245 34.11 20.43 40.38
C LEU E 245 34.09 20.18 41.88
N GLU E 246 34.70 21.09 42.64
CA GLU E 246 34.77 20.98 44.09
C GLU E 246 34.24 22.26 44.72
N LEU E 247 33.73 22.14 45.95
CA LEU E 247 33.23 23.28 46.68
C LEU E 247 34.28 23.83 47.65
#